data_6Z06
#
_entry.id   6Z06
#
_cell.length_a   97.213
_cell.length_b   50.449
_cell.length_c   124.446
_cell.angle_alpha   90.000
_cell.angle_beta   107.660
_cell.angle_gamma   90.000
#
_symmetry.space_group_name_H-M   'P 1 21 1'
#
loop_
_entity.id
_entity.type
_entity.pdbx_description
1 polymer 'Fab 4G2 Heavy chain'
2 polymer 'Fab 4G2 Light chain'
3 polymer 'Envelope polyprotein'
4 non-polymer GLYCEROL
5 non-polymer 2-acetamido-2-deoxy-beta-D-glucopyranose
#
loop_
_entity_poly.entity_id
_entity_poly.type
_entity_poly.pdbx_seq_one_letter_code
_entity_poly.pdbx_strand_id
1 'polypeptide(L)'
;TGQVQMKESGGGLVQPGKSLKLSCAASGFTFSDFWMSWVRQPSGKGLEWVARINTNGDTTHYTDDMKGRFTISRDNAKTT
LYLEMSPLKSEDTAMYYCTRDRLGPFDYWGQGTTVTVSSATTKGPSVYPLAPGSAAQTNSMVTLGCLVKGYFPEPVTVTW
NSGSLSSGVHTFPAVLQSDLYTLSSSVTVPSSTWPSQTVTCNVAHPASSTKVDKKIVPRDCGGTKHHHHHH
;
H
2 'polypeptide(L)'
;TGDIVMTQSPAFPPVSLGDTVTITCQASQSVYKNLAWYQQKPGKSPRLLIFGMSSLADGVPSRFSASGSDKQYSLKIRGL
QPEDAAIYYCQQHYIAPYTFGAGTRLEIKRTDAAPTVSIFPPSSEQLTSGGASVVCFLNNFYPKDINVKWKIDGSERQNG
VLNSWTDQDSKDSTYSMSSTLTLTKDEYERHNSYTCEATHKTSTSPIVKSFNRNEC
;
L
3 'polypeptide(L)'
;GPGETQNLNSGWTDTAHGSGIIPMRTDLELDFSLPSSASYTYRRQLQNPANEQEKIPFHLQISKQVIHAEIQHLGHWMDG
TFNLKTAFHCYGSCEKYAYPWQTAGCFIEKDYEYESGWGCNPPDCPGVGTGCTACGVYLDKLKSVGKAFKIVSLRYTRKA
CIQLGTEQTCKSVDSNDCLVTTSVKVCLIGTVSKFQPSDTLLFLGPLEQGGLIFKQWCTTTCQFGDPGDIMSTPVGMKCP
ELNGSFRKKCAFATTPVCQFDGNTLSGYKRMIATKDSFQSFNVTEPHISASSLEWIDPDSSLRDHINVIVGRDLSFQDLS
ETPCQVDLATTSIDGAWGSGVGFNLVCSVSLTECSTFLTSIKACDSAMCYGSTTANLLRGQNTVHIVGKGGHSGSKFMCC
HDTKCSSTGLVAAAPHLDRVTGYNQADSDKIFDDGAPECGISCWFTKSGEGTETSQVAPA
;
A
#
# COMPACT_ATOMS: atom_id res chain seq x y z
N GLY A 2 13.04 7.68 12.84
CA GLY A 2 13.05 6.24 13.01
C GLY A 2 11.68 5.60 12.84
N GLN A 3 10.89 5.63 13.91
CA GLN A 3 9.56 5.03 13.89
C GLN A 3 8.58 5.93 13.17
N VAL A 4 7.59 5.32 12.53
CA VAL A 4 6.58 6.04 11.76
C VAL A 4 5.38 6.31 12.67
N GLN A 5 4.96 7.57 12.74
CA GLN A 5 3.86 7.98 13.60
C GLN A 5 3.01 9.03 12.90
N MET A 6 1.71 8.79 12.83
CA MET A 6 0.76 9.70 12.20
C MET A 6 -0.44 9.89 13.13
N LYS A 7 -0.87 11.14 13.28
CA LYS A 7 -1.98 11.50 14.16
C LYS A 7 -2.97 12.38 13.42
N GLU A 8 -4.25 12.06 13.54
CA GLU A 8 -5.30 12.87 12.95
C GLU A 8 -5.86 13.85 13.98
N SER A 9 -6.46 14.91 13.48
CA SER A 9 -7.07 15.94 14.33
C SER A 9 -7.96 16.81 13.46
N GLY A 10 -8.80 17.61 14.12
CA GLY A 10 -9.70 18.51 13.44
C GLY A 10 -11.11 18.03 13.25
N GLY A 11 -11.47 16.86 13.79
CA GLY A 11 -12.80 16.34 13.64
C GLY A 11 -13.71 16.70 14.81
N GLY A 12 -14.95 16.25 14.72
CA GLY A 12 -15.94 16.53 15.74
C GLY A 12 -17.37 16.49 15.24
N LEU A 13 -18.14 17.53 15.53
CA LEU A 13 -19.54 17.62 15.13
C LEU A 13 -19.75 18.91 14.35
N VAL A 14 -20.35 18.78 13.17
CA VAL A 14 -20.67 19.92 12.31
C VAL A 14 -22.12 19.82 11.88
N GLN A 15 -22.70 20.96 11.54
CA GLN A 15 -24.08 21.01 11.08
C GLN A 15 -24.19 20.48 9.66
N PRO A 16 -25.37 19.98 9.28
CA PRO A 16 -25.55 19.45 7.91
C PRO A 16 -25.61 20.55 6.87
N GLY A 17 -24.45 20.95 6.35
CA GLY A 17 -24.38 22.05 5.41
C GLY A 17 -23.29 23.05 5.72
N LYS A 18 -22.40 22.73 6.65
CA LYS A 18 -21.26 23.56 6.99
C LYS A 18 -19.96 22.87 6.57
N SER A 19 -18.89 23.65 6.54
CA SER A 19 -17.58 23.16 6.11
C SER A 19 -16.76 22.69 7.31
N LEU A 20 -15.73 21.91 7.01
CA LEU A 20 -14.84 21.37 8.04
C LEU A 20 -13.53 20.94 7.38
N LYS A 21 -12.41 21.28 8.02
CA LYS A 21 -11.09 20.94 7.52
C LYS A 21 -10.39 20.03 8.52
N LEU A 22 -9.91 18.89 8.04
CA LEU A 22 -9.22 17.92 8.85
C LEU A 22 -7.71 18.00 8.63
N SER A 23 -6.95 17.81 9.69
CA SER A 23 -5.50 17.86 9.65
C SER A 23 -4.91 16.53 10.10
N CYS A 24 -3.67 16.28 9.70
CA CYS A 24 -3.00 15.03 10.03
C CYS A 24 -1.49 15.26 9.99
N ALA A 25 -0.85 15.10 11.15
CA ALA A 25 0.59 15.32 11.28
C ALA A 25 1.33 13.99 11.21
N ALA A 26 2.28 13.89 10.29
CA ALA A 26 3.08 12.68 10.11
C ALA A 26 4.53 12.95 10.46
N SER A 27 5.20 11.92 10.97
CA SER A 27 6.59 12.03 11.36
C SER A 27 7.24 10.66 11.29
N GLY A 28 8.57 10.66 11.23
CA GLY A 28 9.35 9.43 11.20
C GLY A 28 9.75 8.95 9.82
N PHE A 29 9.34 9.66 8.76
CA PHE A 29 9.73 9.31 7.41
C PHE A 29 9.76 10.58 6.58
N THR A 30 10.32 10.48 5.38
CA THR A 30 10.38 11.61 4.46
C THR A 30 8.99 11.89 3.92
N PHE A 31 8.36 12.95 4.42
CA PHE A 31 6.99 13.27 4.01
C PHE A 31 6.92 13.73 2.56
N SER A 32 8.01 14.30 2.03
CA SER A 32 8.04 14.83 0.68
C SER A 32 8.53 13.81 -0.35
N ASP A 33 8.29 12.52 -0.11
CA ASP A 33 8.64 11.48 -1.06
C ASP A 33 7.54 10.45 -1.27
N PHE A 34 6.43 10.55 -0.54
CA PHE A 34 5.35 9.57 -0.62
C PHE A 34 4.06 10.25 -1.09
N TRP A 35 3.19 9.44 -1.68
CA TRP A 35 1.84 9.88 -1.98
C TRP A 35 0.95 9.70 -0.75
N MET A 36 0.14 10.71 -0.47
CA MET A 36 -0.75 10.68 0.67
C MET A 36 -2.19 10.48 0.23
N SER A 37 -3.01 9.97 1.14
CA SER A 37 -4.39 9.65 0.80
C SER A 37 -5.23 9.63 2.07
N TRP A 38 -6.52 9.89 1.90
CA TRP A 38 -7.50 9.85 2.98
C TRP A 38 -8.46 8.69 2.74
N VAL A 39 -8.75 7.93 3.79
CA VAL A 39 -9.66 6.78 3.72
C VAL A 39 -10.56 6.83 4.94
N ARG A 40 -11.87 6.87 4.72
CA ARG A 40 -12.83 6.91 5.80
C ARG A 40 -13.59 5.60 5.89
N GLN A 41 -14.16 5.34 7.07
CA GLN A 41 -14.91 4.12 7.33
C GLN A 41 -16.12 4.43 8.22
N PRO A 42 -17.33 4.11 7.80
CA PRO A 42 -18.50 4.33 8.65
C PRO A 42 -18.50 3.46 9.88
N SER A 43 -19.50 3.63 10.75
CA SER A 43 -19.61 2.86 11.99
C SER A 43 -19.97 1.42 11.66
N GLY A 44 -18.98 0.53 11.73
CA GLY A 44 -19.23 -0.88 11.47
C GLY A 44 -19.47 -1.21 10.02
N LYS A 45 -18.74 -0.57 9.10
CA LYS A 45 -18.86 -0.83 7.68
C LYS A 45 -17.46 -1.00 7.08
N GLY A 46 -17.41 -1.18 5.76
CA GLY A 46 -16.15 -1.38 5.09
C GLY A 46 -15.40 -0.09 4.85
N LEU A 47 -14.13 -0.24 4.49
CA LEU A 47 -13.28 0.91 4.20
C LEU A 47 -13.65 1.54 2.86
N GLU A 48 -13.43 2.85 2.75
CA GLU A 48 -13.79 3.59 1.56
C GLU A 48 -12.71 4.63 1.27
N TRP A 49 -12.01 4.48 0.15
CA TRP A 49 -11.02 5.45 -0.27
C TRP A 49 -11.69 6.76 -0.65
N VAL A 50 -11.09 7.88 -0.24
CA VAL A 50 -11.68 9.21 -0.41
C VAL A 50 -10.88 10.05 -1.41
N ALA A 51 -9.62 10.33 -1.10
CA ALA A 51 -8.81 11.22 -1.91
C ALA A 51 -7.37 10.73 -1.92
N ARG A 52 -6.56 11.35 -2.77
CA ARG A 52 -5.15 11.02 -2.90
C ARG A 52 -4.42 12.21 -3.48
N ILE A 53 -3.22 12.48 -2.95
CA ILE A 53 -2.39 13.57 -3.42
C ILE A 53 -0.99 13.04 -3.71
N ASN A 54 -0.31 13.69 -4.65
CA ASN A 54 1.03 13.30 -5.05
C ASN A 54 2.06 14.04 -4.21
N THR A 55 3.33 14.00 -4.64
CA THR A 55 4.41 14.56 -3.85
C THR A 55 4.27 16.08 -3.72
N ASN A 56 4.32 16.80 -4.84
CA ASN A 56 4.28 18.25 -4.79
C ASN A 56 2.87 18.77 -4.51
N GLY A 57 1.89 18.29 -5.27
CA GLY A 57 0.52 18.71 -5.07
C GLY A 57 -0.20 19.13 -6.33
N ASP A 58 0.42 18.88 -7.49
CA ASP A 58 -0.19 19.23 -8.76
C ASP A 58 -1.17 18.18 -9.27
N THR A 59 -1.14 16.97 -8.71
CA THR A 59 -2.02 15.89 -9.12
C THR A 59 -2.80 15.40 -7.92
N THR A 60 -4.12 15.55 -7.96
CA THR A 60 -5.00 15.13 -6.87
C THR A 60 -6.12 14.27 -7.45
N HIS A 61 -6.32 13.10 -6.85
CA HIS A 61 -7.37 12.17 -7.27
C HIS A 61 -8.48 12.16 -6.24
N TYR A 62 -9.73 12.21 -6.72
CA TYR A 62 -10.90 12.20 -5.86
C TYR A 62 -11.87 11.12 -6.35
N THR A 63 -12.99 11.00 -5.65
CA THR A 63 -14.04 10.06 -6.00
C THR A 63 -15.13 10.77 -6.79
N ASP A 64 -15.83 10.00 -7.63
CA ASP A 64 -16.87 10.58 -8.48
C ASP A 64 -18.04 11.12 -7.68
N ASP A 65 -18.16 10.74 -6.40
CA ASP A 65 -19.27 11.23 -5.58
C ASP A 65 -19.05 12.69 -5.18
N MET A 66 -17.97 12.95 -4.45
CA MET A 66 -17.65 14.30 -3.99
C MET A 66 -17.00 15.08 -5.13
N LYS A 67 -17.87 15.62 -5.99
CA LYS A 67 -17.42 16.43 -7.12
C LYS A 67 -17.11 17.83 -6.61
N GLY A 68 -15.83 18.11 -6.39
CA GLY A 68 -15.39 19.39 -5.88
C GLY A 68 -15.74 19.68 -4.45
N ARG A 69 -16.34 18.73 -3.73
CA ARG A 69 -16.71 18.97 -2.34
C ARG A 69 -15.50 18.83 -1.42
N PHE A 70 -14.64 17.85 -1.67
CA PHE A 70 -13.46 17.63 -0.85
C PHE A 70 -12.22 18.18 -1.56
N THR A 71 -11.29 18.69 -0.76
CA THR A 71 -10.06 19.29 -1.28
C THR A 71 -8.90 18.85 -0.40
N ILE A 72 -8.02 18.02 -0.94
CA ILE A 72 -6.86 17.50 -0.21
C ILE A 72 -5.65 18.38 -0.50
N SER A 73 -4.88 18.70 0.53
CA SER A 73 -3.69 19.50 0.39
C SER A 73 -2.64 19.00 1.38
N ARG A 74 -1.39 19.43 1.18
CA ARG A 74 -0.29 19.00 2.03
C ARG A 74 0.69 20.15 2.20
N ASP A 75 1.45 20.08 3.29
CA ASP A 75 2.48 21.07 3.61
C ASP A 75 3.75 20.30 3.96
N ASN A 76 4.71 20.26 3.03
CA ASN A 76 5.94 19.52 3.26
C ASN A 76 6.86 20.20 4.26
N ALA A 77 6.73 21.51 4.46
CA ALA A 77 7.58 22.20 5.41
C ALA A 77 7.29 21.77 6.84
N LYS A 78 6.03 21.46 7.16
CA LYS A 78 5.64 21.00 8.47
C LYS A 78 5.24 19.53 8.49
N THR A 79 5.32 18.84 7.36
CA THR A 79 4.94 17.43 7.23
C THR A 79 3.52 17.20 7.75
N THR A 80 2.57 17.88 7.11
CA THR A 80 1.16 17.84 7.50
C THR A 80 0.29 17.60 6.28
N LEU A 81 -0.81 16.88 6.50
CA LEU A 81 -1.80 16.61 5.48
C LEU A 81 -3.13 17.24 5.87
N TYR A 82 -3.82 17.82 4.89
CA TYR A 82 -5.07 18.52 5.14
C TYR A 82 -6.15 17.97 4.22
N LEU A 83 -7.41 18.12 4.66
CA LEU A 83 -8.56 17.68 3.87
C LEU A 83 -9.71 18.65 4.16
N GLU A 84 -9.85 19.66 3.30
CA GLU A 84 -10.94 20.62 3.41
C GLU A 84 -12.20 20.06 2.77
N MET A 85 -13.32 20.20 3.48
CA MET A 85 -14.60 19.66 3.04
C MET A 85 -15.62 20.78 2.87
N SER A 86 -16.37 20.72 1.77
CA SER A 86 -17.45 21.64 1.47
C SER A 86 -18.63 21.37 2.40
N PRO A 87 -19.74 22.14 2.32
CA PRO A 87 -20.94 21.79 3.10
C PRO A 87 -21.29 20.32 3.00
N LEU A 88 -21.22 19.63 4.14
CA LEU A 88 -21.34 18.18 4.19
C LEU A 88 -22.81 17.76 4.22
N LYS A 89 -23.02 16.44 4.19
CA LYS A 89 -24.34 15.85 4.29
C LYS A 89 -24.32 14.78 5.37
N SER A 90 -25.50 14.21 5.65
CA SER A 90 -25.61 13.21 6.70
C SER A 90 -24.93 11.89 6.33
N GLU A 91 -24.55 11.69 5.07
CA GLU A 91 -23.91 10.47 4.63
C GLU A 91 -22.39 10.51 4.76
N ASP A 92 -21.84 11.57 5.33
CA ASP A 92 -20.39 11.70 5.50
C ASP A 92 -19.94 11.42 6.92
N THR A 93 -20.85 10.97 7.79
CA THR A 93 -20.50 10.68 9.18
C THR A 93 -19.72 9.38 9.25
N ALA A 94 -18.41 9.50 9.45
CA ALA A 94 -17.52 8.34 9.52
C ALA A 94 -16.23 8.75 10.22
N MET A 95 -15.30 7.81 10.31
CA MET A 95 -13.98 8.06 10.87
C MET A 95 -12.95 8.09 9.75
N TYR A 96 -12.20 9.19 9.67
CA TYR A 96 -11.27 9.43 8.57
C TYR A 96 -9.86 9.10 9.01
N TYR A 97 -9.13 8.36 8.17
CA TYR A 97 -7.73 8.03 8.40
C TYR A 97 -6.88 8.64 7.29
N CYS A 98 -5.73 9.18 7.68
CA CYS A 98 -4.73 9.61 6.71
C CYS A 98 -3.72 8.48 6.53
N THR A 99 -3.53 8.05 5.29
CA THR A 99 -2.70 6.89 5.00
C THR A 99 -1.55 7.30 4.08
N ARG A 100 -0.54 6.44 4.02
CA ARG A 100 0.62 6.64 3.15
C ARG A 100 0.38 5.80 1.90
N ASP A 101 -0.21 6.44 0.87
CA ASP A 101 -0.56 5.74 -0.35
C ASP A 101 0.70 5.37 -1.13
N ARG A 102 0.85 4.09 -1.45
CA ARG A 102 1.97 3.58 -2.23
C ARG A 102 1.55 3.27 -3.66
N LEU A 103 0.70 4.11 -4.24
CA LEU A 103 0.13 3.88 -5.57
C LEU A 103 -0.59 2.54 -5.61
N GLY A 104 -1.64 2.45 -4.79
CA GLY A 104 -2.29 1.18 -4.53
C GLY A 104 -2.51 0.95 -3.05
N PRO A 105 -1.82 -0.04 -2.49
CA PRO A 105 -2.02 -0.38 -1.08
C PRO A 105 -1.56 0.73 -0.15
N PHE A 106 -2.15 0.76 1.04
CA PHE A 106 -1.82 1.70 2.09
C PHE A 106 -1.06 0.95 3.18
N ASP A 107 0.20 1.36 3.41
CA ASP A 107 1.09 0.62 4.30
C ASP A 107 1.11 1.16 5.73
N TYR A 108 0.54 2.33 5.98
CA TYR A 108 0.54 2.88 7.34
C TYR A 108 -0.74 3.68 7.55
N TRP A 109 -1.41 3.43 8.68
CA TRP A 109 -2.65 4.08 9.03
C TRP A 109 -2.49 4.79 10.37
N GLY A 110 -3.18 5.92 10.51
CA GLY A 110 -3.16 6.70 11.73
C GLY A 110 -4.20 6.22 12.73
N GLN A 111 -4.42 7.06 13.75
CA GLN A 111 -5.40 6.72 14.78
C GLN A 111 -6.82 6.91 14.25
N GLY A 112 -7.07 8.02 13.55
CA GLY A 112 -8.38 8.28 12.99
C GLY A 112 -9.23 9.18 13.85
N THR A 113 -9.91 10.14 13.22
CA THR A 113 -10.78 11.08 13.92
C THR A 113 -12.22 10.90 13.45
N THR A 114 -13.15 11.13 14.38
CA THR A 114 -14.57 10.96 14.09
C THR A 114 -15.18 12.27 13.61
N VAL A 115 -15.91 12.21 12.51
CA VAL A 115 -16.61 13.36 11.95
C VAL A 115 -18.09 13.07 11.98
N THR A 116 -18.84 13.88 12.72
CA THR A 116 -20.28 13.72 12.86
C THR A 116 -21.00 14.89 12.19
N VAL A 117 -21.95 14.59 11.33
CA VAL A 117 -22.73 15.60 10.61
C VAL A 117 -24.18 15.44 11.05
N SER A 118 -24.59 16.22 12.05
CA SER A 118 -25.94 16.15 12.56
C SER A 118 -26.38 17.54 13.01
N SER A 119 -27.69 17.70 13.20
CA SER A 119 -28.28 18.96 13.62
C SER A 119 -28.49 19.03 15.12
N ALA A 120 -27.83 18.16 15.88
CA ALA A 120 -27.98 18.14 17.33
C ALA A 120 -26.93 19.02 17.99
N THR A 121 -27.11 19.26 19.29
CA THR A 121 -26.24 20.11 20.07
C THR A 121 -25.40 19.27 21.04
N THR A 122 -24.22 19.78 21.36
CA THR A 122 -23.33 19.07 22.26
C THR A 122 -23.93 19.00 23.66
N LYS A 123 -23.74 17.85 24.32
CA LYS A 123 -24.26 17.61 25.66
C LYS A 123 -23.14 17.12 26.56
N GLY A 124 -23.12 17.59 27.80
CA GLY A 124 -22.13 17.22 28.76
C GLY A 124 -22.46 15.90 29.45
N PRO A 125 -21.46 15.04 29.61
CA PRO A 125 -21.69 13.73 30.21
C PRO A 125 -21.86 13.82 31.72
N SER A 126 -22.08 12.67 32.35
CA SER A 126 -22.19 12.56 33.79
C SER A 126 -21.51 11.26 34.21
N VAL A 127 -20.53 11.37 35.11
CA VAL A 127 -19.76 10.22 35.58
C VAL A 127 -20.30 9.81 36.94
N TYR A 128 -20.69 8.54 37.06
CA TYR A 128 -21.24 8.00 38.29
C TYR A 128 -20.43 6.77 38.71
N PRO A 129 -19.87 6.75 39.91
CA PRO A 129 -19.17 5.55 40.38
C PRO A 129 -20.15 4.44 40.74
N LEU A 130 -19.64 3.21 40.74
CA LEU A 130 -20.45 2.03 41.02
C LEU A 130 -19.81 1.29 42.19
N ALA A 131 -20.38 1.46 43.37
CA ALA A 131 -19.91 0.78 44.57
C ALA A 131 -20.50 -0.63 44.65
N PRO A 132 -19.79 -1.57 45.26
CA PRO A 132 -20.32 -2.93 45.39
C PRO A 132 -21.59 -2.96 46.23
N GLY A 133 -22.48 -3.87 45.88
CA GLY A 133 -23.73 -4.03 46.60
C GLY A 133 -24.44 -5.33 46.28
N ASN A 139 -14.25 -10.07 49.09
CA ASN A 139 -14.44 -11.47 48.75
C ASN A 139 -13.14 -12.08 48.22
N SER A 140 -13.12 -12.41 46.92
CA SER A 140 -11.94 -12.95 46.27
C SER A 140 -11.41 -12.04 45.18
N MET A 141 -12.26 -11.65 44.23
CA MET A 141 -11.87 -10.74 43.13
C MET A 141 -13.02 -9.75 42.93
N VAL A 142 -12.90 -8.60 43.56
CA VAL A 142 -13.94 -7.57 43.49
C VAL A 142 -13.87 -6.87 42.14
N THR A 143 -15.02 -6.40 41.68
CA THR A 143 -15.12 -5.64 40.44
C THR A 143 -15.84 -4.32 40.70
N LEU A 144 -15.44 -3.30 39.95
CA LEU A 144 -16.00 -1.96 40.11
C LEU A 144 -16.40 -1.42 38.74
N GLY A 145 -17.30 -0.44 38.76
CA GLY A 145 -17.83 0.12 37.54
C GLY A 145 -17.74 1.64 37.52
N CYS A 146 -17.89 2.19 36.32
CA CYS A 146 -17.84 3.63 36.12
C CYS A 146 -18.79 3.96 34.98
N LEU A 147 -19.88 4.66 35.29
CA LEU A 147 -20.95 4.91 34.34
C LEU A 147 -20.83 6.32 33.77
N VAL A 148 -20.82 6.42 32.44
CA VAL A 148 -20.80 7.69 31.73
C VAL A 148 -22.14 7.80 31.00
N LYS A 149 -23.02 8.67 31.49
CA LYS A 149 -24.39 8.76 31.01
C LYS A 149 -24.64 10.12 30.37
N GLY A 150 -25.37 10.10 29.25
CA GLY A 150 -25.84 11.32 28.61
C GLY A 150 -24.76 12.22 28.05
N TYR A 151 -24.09 11.77 27.00
CA TYR A 151 -23.10 12.59 26.32
C TYR A 151 -23.35 12.54 24.81
N PHE A 152 -22.84 13.57 24.12
CA PHE A 152 -22.99 13.68 22.68
C PHE A 152 -22.01 14.71 22.14
N PRO A 153 -21.30 14.41 21.03
CA PRO A 153 -21.32 13.12 20.35
C PRO A 153 -20.18 12.21 20.79
N GLU A 154 -19.98 11.13 20.03
CA GLU A 154 -18.84 10.26 20.25
C GLU A 154 -17.54 10.99 19.91
N PRO A 155 -16.39 10.53 20.45
CA PRO A 155 -16.19 9.46 21.43
C PRO A 155 -15.86 9.98 22.83
N VAL A 156 -15.54 9.06 23.73
CA VAL A 156 -15.04 9.38 25.07
C VAL A 156 -13.85 8.48 25.37
N THR A 157 -13.06 8.90 26.36
CA THR A 157 -11.87 8.17 26.78
C THR A 157 -12.01 7.80 28.25
N VAL A 158 -11.89 6.51 28.56
CA VAL A 158 -12.02 6.01 29.92
C VAL A 158 -10.75 5.26 30.28
N THR A 159 -10.11 5.68 31.37
CA THR A 159 -8.90 5.04 31.88
C THR A 159 -9.03 4.87 33.39
N TRP A 160 -8.10 4.11 33.96
CA TRP A 160 -8.07 3.84 35.40
C TRP A 160 -6.67 4.09 35.92
N ASN A 161 -6.55 5.06 36.84
CA ASN A 161 -5.28 5.43 37.45
C ASN A 161 -4.25 5.82 36.38
N SER A 162 -4.58 6.89 35.65
CA SER A 162 -3.75 7.43 34.58
C SER A 162 -3.45 6.41 33.50
N GLY A 163 -4.30 5.40 33.35
CA GLY A 163 -4.14 4.40 32.32
C GLY A 163 -3.27 3.23 32.66
N SER A 164 -2.72 3.16 33.87
CA SER A 164 -1.88 2.03 34.27
C SER A 164 -2.69 0.93 34.94
N LEU A 165 -3.81 0.56 34.31
CA LEU A 165 -4.61 -0.57 34.73
C LEU A 165 -5.18 -1.29 33.52
N SER A 166 -4.36 -1.48 32.49
CA SER A 166 -4.84 -2.06 31.24
C SER A 166 -5.30 -3.50 31.42
N SER A 167 -4.73 -4.22 32.38
CA SER A 167 -5.12 -5.60 32.62
C SER A 167 -6.41 -5.64 33.42
N GLY A 168 -7.33 -6.53 33.01
CA GLY A 168 -8.59 -6.67 33.72
C GLY A 168 -9.57 -5.53 33.52
N VAL A 169 -9.42 -4.77 32.44
CA VAL A 169 -10.33 -3.66 32.14
C VAL A 169 -11.30 -4.10 31.05
N HIS A 170 -12.48 -3.49 31.04
CA HIS A 170 -13.51 -3.83 30.05
C HIS A 170 -14.31 -2.56 29.78
N THR A 171 -14.01 -1.90 28.67
CA THR A 171 -14.76 -0.74 28.21
C THR A 171 -15.86 -1.20 27.27
N PHE A 172 -17.11 -0.82 27.57
CA PHE A 172 -18.17 -1.41 26.77
C PHE A 172 -18.67 -0.44 25.72
N PRO A 173 -19.09 -0.95 24.56
CA PRO A 173 -19.61 -0.07 23.51
C PRO A 173 -20.85 0.69 23.98
N ALA A 174 -20.91 1.96 23.59
CA ALA A 174 -22.03 2.80 23.99
C ALA A 174 -23.29 2.43 23.22
N VAL A 175 -24.44 2.89 23.72
CA VAL A 175 -25.73 2.69 23.09
C VAL A 175 -26.37 4.05 22.85
N LEU A 176 -26.94 4.22 21.66
CA LEU A 176 -27.58 5.47 21.28
C LEU A 176 -29.06 5.43 21.66
N GLN A 177 -29.50 6.42 22.43
CA GLN A 177 -30.89 6.53 22.85
C GLN A 177 -31.36 7.96 22.55
N SER A 178 -31.84 8.16 21.33
CA SER A 178 -32.50 9.41 20.92
C SER A 178 -31.64 10.64 21.24
N ASP A 179 -30.50 10.71 20.54
CA ASP A 179 -29.56 11.84 20.59
C ASP A 179 -28.78 11.90 21.89
N LEU A 180 -28.64 10.77 22.60
CA LEU A 180 -27.88 10.73 23.85
C LEU A 180 -27.22 9.37 23.98
N TYR A 181 -25.89 9.34 23.97
CA TYR A 181 -25.14 8.12 24.19
C TYR A 181 -24.90 7.89 25.67
N THR A 182 -24.52 6.66 26.01
CA THR A 182 -24.15 6.30 27.37
C THR A 182 -23.43 4.96 27.34
N LEU A 183 -22.33 4.86 28.08
CA LEU A 183 -21.57 3.64 28.18
C LEU A 183 -21.09 3.44 29.61
N SER A 184 -20.49 2.29 29.86
CA SER A 184 -19.98 1.93 31.18
C SER A 184 -18.69 1.15 31.04
N SER A 185 -17.83 1.26 32.04
CA SER A 185 -16.57 0.55 32.09
C SER A 185 -16.50 -0.30 33.35
N SER A 186 -15.84 -1.45 33.23
CA SER A 186 -15.71 -2.40 34.32
C SER A 186 -14.24 -2.73 34.55
N VAL A 187 -13.82 -2.74 35.81
CA VAL A 187 -12.45 -3.07 36.18
C VAL A 187 -12.50 -4.12 37.28
N THR A 188 -11.46 -4.96 37.32
CA THR A 188 -11.38 -6.05 38.29
C THR A 188 -10.03 -5.99 38.99
N VAL A 189 -10.07 -5.81 40.31
CA VAL A 189 -8.86 -5.76 41.13
C VAL A 189 -9.01 -6.74 42.28
N PRO A 190 -7.91 -7.25 42.84
CA PRO A 190 -8.03 -8.15 43.99
C PRO A 190 -8.66 -7.46 45.20
N SER A 191 -9.22 -8.27 46.09
CA SER A 191 -9.89 -7.74 47.27
C SER A 191 -8.90 -7.12 48.26
N SER A 192 -7.61 -7.42 48.14
CA SER A 192 -6.61 -6.83 49.03
C SER A 192 -6.21 -5.42 48.61
N THR A 193 -6.53 -5.02 47.37
CA THR A 193 -6.19 -3.69 46.89
C THR A 193 -7.30 -2.68 47.14
N TRP A 194 -8.56 -3.10 47.09
CA TRP A 194 -9.69 -2.21 47.32
C TRP A 194 -10.52 -2.70 48.49
N PRO A 195 -10.96 -1.80 49.39
CA PRO A 195 -10.69 -0.37 49.35
C PRO A 195 -9.39 0.03 50.04
N SER A 196 -8.38 -0.84 50.00
CA SER A 196 -7.10 -0.52 50.60
C SER A 196 -6.36 0.57 49.82
N GLN A 197 -6.55 0.61 48.51
CA GLN A 197 -5.96 1.62 47.65
C GLN A 197 -7.04 2.41 46.94
N THR A 198 -6.70 3.63 46.53
CA THR A 198 -7.65 4.54 45.90
C THR A 198 -7.71 4.25 44.41
N VAL A 199 -8.80 3.64 43.97
CA VAL A 199 -9.03 3.38 42.56
C VAL A 199 -9.79 4.56 41.97
N THR A 200 -9.24 5.15 40.91
CA THR A 200 -9.79 6.36 40.31
C THR A 200 -10.18 6.09 38.87
N CYS A 201 -11.38 6.52 38.50
CA CYS A 201 -11.88 6.41 37.13
C CYS A 201 -11.73 7.74 36.43
N ASN A 202 -11.07 7.74 35.27
CA ASN A 202 -10.81 8.94 34.50
C ASN A 202 -11.63 8.92 33.22
N VAL A 203 -12.45 9.95 33.03
CA VAL A 203 -13.31 10.08 31.85
C VAL A 203 -13.02 11.41 31.19
N ALA A 204 -12.95 11.40 29.84
CA ALA A 204 -12.67 12.60 29.08
C ALA A 204 -13.61 12.69 27.89
N HIS A 205 -14.15 13.88 27.65
CA HIS A 205 -15.03 14.15 26.52
C HIS A 205 -14.47 15.35 25.76
N PRO A 206 -14.05 15.18 24.51
CA PRO A 206 -13.38 16.30 23.81
C PRO A 206 -14.32 17.44 23.46
N ALA A 207 -15.51 17.13 22.94
CA ALA A 207 -16.40 18.19 22.46
C ALA A 207 -16.84 19.11 23.58
N SER A 208 -17.34 18.55 24.67
CA SER A 208 -17.80 19.35 25.80
C SER A 208 -16.67 19.80 26.72
N SER A 209 -15.43 19.45 26.40
CA SER A 209 -14.27 19.80 27.21
C SER A 209 -14.44 19.34 28.66
N THR A 210 -14.84 18.07 28.80
CA THR A 210 -15.12 17.48 30.11
C THR A 210 -13.97 16.58 30.53
N LYS A 211 -13.55 16.71 31.79
CA LYS A 211 -12.49 15.88 32.37
C LYS A 211 -12.87 15.61 33.82
N VAL A 212 -13.33 14.39 34.09
CA VAL A 212 -13.83 14.01 35.41
C VAL A 212 -12.99 12.84 35.93
N ASP A 213 -12.54 12.96 37.17
CA ASP A 213 -11.81 11.91 37.88
C ASP A 213 -12.56 11.60 39.17
N LYS A 214 -13.12 10.41 39.26
CA LYS A 214 -13.94 10.01 40.40
C LYS A 214 -13.25 8.91 41.18
N LYS A 215 -13.21 9.05 42.51
CA LYS A 215 -12.69 8.03 43.39
C LYS A 215 -13.83 7.11 43.84
N ILE A 216 -13.65 5.82 43.63
CA ILE A 216 -14.70 4.84 43.96
C ILE A 216 -14.63 4.53 45.44
N VAL A 217 -15.70 4.86 46.17
CA VAL A 217 -15.78 4.60 47.60
C VAL A 217 -17.11 3.90 47.89
N PRO A 218 -17.19 3.03 48.91
CA PRO A 218 -18.45 2.35 49.26
C PRO A 218 -19.55 3.32 49.68
N THR B 1 -22.29 1.28 -12.20
CA THR B 1 -20.85 1.42 -12.17
C THR B 1 -20.16 0.19 -12.75
N GLY B 2 -19.06 0.42 -13.48
CA GLY B 2 -18.32 -0.66 -14.09
C GLY B 2 -17.05 -1.00 -13.34
N ASP B 3 -17.11 -1.00 -12.01
CA ASP B 3 -15.95 -1.27 -11.17
C ASP B 3 -15.86 -2.75 -10.82
N ILE B 4 -14.67 -3.16 -10.42
CA ILE B 4 -14.43 -4.55 -10.02
C ILE B 4 -15.00 -4.77 -8.62
N VAL B 5 -15.61 -5.94 -8.41
CA VAL B 5 -16.20 -6.31 -7.14
C VAL B 5 -15.33 -7.37 -6.49
N MET B 6 -14.94 -7.14 -5.24
CA MET B 6 -14.13 -8.07 -4.47
C MET B 6 -15.03 -8.79 -3.48
N THR B 7 -15.44 -10.01 -3.82
CA THR B 7 -16.35 -10.79 -2.99
C THR B 7 -15.55 -11.41 -1.83
N GLN B 8 -15.83 -10.97 -0.61
CA GLN B 8 -15.20 -11.51 0.59
C GLN B 8 -16.29 -12.15 1.44
N SER B 9 -16.18 -13.46 1.65
CA SER B 9 -17.23 -14.21 2.32
C SER B 9 -17.17 -14.04 3.83
N PRO B 10 -18.18 -13.42 4.44
CA PRO B 10 -18.22 -13.32 5.91
C PRO B 10 -18.82 -14.55 6.55
N ALA B 11 -19.03 -14.49 7.87
CA ALA B 11 -19.68 -15.56 8.62
C ALA B 11 -18.90 -16.87 8.52
N PHE B 12 -17.68 -16.84 9.03
CA PHE B 12 -16.81 -18.02 9.07
C PHE B 12 -16.98 -18.75 10.39
N PRO B 13 -17.16 -20.07 10.38
CA PRO B 13 -17.39 -20.78 11.63
C PRO B 13 -16.16 -20.74 12.51
N PRO B 14 -16.32 -20.83 13.83
CA PRO B 14 -15.16 -20.74 14.74
C PRO B 14 -14.19 -21.89 14.52
N VAL B 15 -12.91 -21.61 14.78
CA VAL B 15 -11.85 -22.59 14.63
C VAL B 15 -11.05 -22.66 15.93
N SER B 16 -10.52 -23.84 16.22
CA SER B 16 -9.77 -24.05 17.43
C SER B 16 -8.43 -23.29 17.40
N LEU B 17 -7.88 -23.09 18.59
CA LEU B 17 -6.62 -22.36 18.72
C LEU B 17 -5.44 -23.26 18.40
N GLY B 18 -4.49 -22.74 17.63
CA GLY B 18 -3.31 -23.49 17.24
C GLY B 18 -3.40 -24.23 15.94
N ASP B 19 -4.55 -24.22 15.28
CA ASP B 19 -4.74 -24.94 14.02
C ASP B 19 -4.41 -24.02 12.86
N THR B 20 -4.74 -24.46 11.64
CA THR B 20 -4.49 -23.71 10.42
C THR B 20 -5.82 -23.26 9.82
N VAL B 21 -5.89 -21.99 9.44
CA VAL B 21 -7.09 -21.41 8.85
C VAL B 21 -6.74 -20.79 7.51
N THR B 22 -7.76 -20.61 6.67
CA THR B 22 -7.58 -20.04 5.34
C THR B 22 -8.81 -19.24 4.97
N ILE B 23 -8.61 -17.96 4.64
CA ILE B 23 -9.69 -17.07 4.21
C ILE B 23 -9.53 -16.80 2.72
N THR B 24 -10.64 -16.76 2.00
CA THR B 24 -10.64 -16.55 0.56
C THR B 24 -11.17 -15.16 0.22
N CYS B 25 -10.78 -14.68 -0.96
CA CYS B 25 -11.23 -13.40 -1.49
C CYS B 25 -11.37 -13.54 -3.00
N GLN B 26 -12.61 -13.53 -3.48
CA GLN B 26 -12.91 -13.69 -4.90
C GLN B 26 -13.04 -12.33 -5.57
N ALA B 27 -12.65 -12.28 -6.85
CA ALA B 27 -12.66 -11.05 -7.62
C ALA B 27 -13.54 -11.20 -8.85
N SER B 28 -14.19 -10.10 -9.22
CA SER B 28 -15.01 -10.07 -10.43
C SER B 28 -14.18 -9.92 -11.70
N GLN B 29 -12.88 -9.63 -11.56
CA GLN B 29 -11.99 -9.48 -12.70
C GLN B 29 -10.57 -9.86 -12.26
N SER B 30 -9.77 -10.31 -13.22
CA SER B 30 -8.40 -10.72 -12.92
C SER B 30 -7.51 -9.50 -12.74
N VAL B 31 -6.94 -9.34 -11.54
CA VAL B 31 -6.01 -8.26 -11.24
C VAL B 31 -4.55 -8.74 -11.19
N TYR B 32 -4.34 -10.05 -11.14
CA TYR B 32 -3.13 -10.84 -11.38
C TYR B 32 -2.08 -10.87 -10.29
N LYS B 33 -1.81 -9.73 -9.62
CA LYS B 33 -0.84 -9.71 -8.53
C LYS B 33 -1.05 -8.51 -7.62
N ASN B 34 -2.01 -7.64 -7.97
CA ASN B 34 -2.20 -6.38 -7.26
C ASN B 34 -3.28 -6.59 -6.21
N LEU B 35 -2.88 -7.25 -5.14
CA LEU B 35 -3.79 -7.58 -4.04
C LEU B 35 -3.08 -7.34 -2.72
N ALA B 36 -3.78 -6.71 -1.79
CA ALA B 36 -3.26 -6.44 -0.47
C ALA B 36 -4.25 -6.93 0.58
N TRP B 37 -3.73 -7.48 1.67
CA TRP B 37 -4.54 -7.94 2.78
C TRP B 37 -4.36 -7.00 3.97
N TYR B 38 -5.45 -6.73 4.68
CA TYR B 38 -5.43 -5.83 5.82
C TYR B 38 -6.04 -6.53 7.02
N GLN B 39 -5.71 -6.02 8.20
CA GLN B 39 -6.23 -6.52 9.46
C GLN B 39 -6.69 -5.35 10.32
N GLN B 40 -7.93 -5.39 10.78
CA GLN B 40 -8.51 -4.35 11.61
C GLN B 40 -8.96 -4.98 12.92
N LYS B 41 -8.20 -4.75 13.99
CA LYS B 41 -8.59 -5.25 15.30
C LYS B 41 -9.78 -4.46 15.82
N PRO B 42 -10.60 -5.06 16.68
CA PRO B 42 -11.79 -4.36 17.19
C PRO B 42 -11.40 -3.11 17.98
N GLY B 43 -11.84 -1.96 17.46
CA GLY B 43 -11.58 -0.68 18.08
C GLY B 43 -10.35 0.04 17.57
N LYS B 44 -9.38 -0.70 17.04
CA LYS B 44 -8.13 -0.11 16.57
C LYS B 44 -8.22 0.21 15.08
N SER B 45 -7.13 0.72 14.53
CA SER B 45 -7.04 1.10 13.13
C SER B 45 -6.62 -0.09 12.28
N PRO B 46 -6.91 -0.05 10.97
CA PRO B 46 -6.46 -1.14 10.09
C PRO B 46 -4.95 -1.25 10.06
N ARG B 47 -4.47 -2.39 9.55
CA ARG B 47 -3.06 -2.71 9.53
C ARG B 47 -2.74 -3.52 8.28
N LEU B 48 -1.76 -3.06 7.50
CA LEU B 48 -1.36 -3.78 6.30
C LEU B 48 -0.71 -5.11 6.69
N LEU B 49 -1.26 -6.21 6.18
CA LEU B 49 -0.72 -7.54 6.45
C LEU B 49 0.21 -8.03 5.34
N ILE B 50 -0.30 -8.08 4.11
CA ILE B 50 0.44 -8.65 2.98
C ILE B 50 0.20 -7.78 1.75
N PHE B 51 1.27 -7.46 1.04
CA PHE B 51 1.19 -6.73 -0.22
C PHE B 51 1.77 -7.60 -1.34
N GLY B 52 1.39 -7.27 -2.57
CA GLY B 52 1.85 -8.02 -3.72
C GLY B 52 1.39 -9.45 -3.79
N MET B 53 0.41 -9.83 -2.98
CA MET B 53 -0.25 -11.15 -2.98
C MET B 53 0.66 -12.23 -2.40
N SER B 54 1.94 -11.93 -2.20
CA SER B 54 2.81 -12.92 -1.59
C SER B 54 3.87 -12.34 -0.65
N SER B 55 3.87 -11.03 -0.40
CA SER B 55 4.95 -10.38 0.35
C SER B 55 4.42 -9.90 1.69
N LEU B 56 5.10 -10.31 2.77
CA LEU B 56 4.67 -9.95 4.11
C LEU B 56 5.07 -8.50 4.43
N ALA B 57 4.16 -7.79 5.09
CA ALA B 57 4.43 -6.42 5.51
C ALA B 57 5.35 -6.42 6.72
N ASP B 58 6.02 -5.29 6.93
CA ASP B 58 6.94 -5.16 8.05
C ASP B 58 6.19 -5.20 9.36
N GLY B 59 6.67 -6.02 10.30
CA GLY B 59 6.02 -6.19 11.58
C GLY B 59 4.95 -7.24 11.63
N VAL B 60 4.87 -8.10 10.62
CA VAL B 60 3.87 -9.17 10.56
C VAL B 60 4.55 -10.49 10.89
N PRO B 61 3.98 -11.31 11.77
CA PRO B 61 4.63 -12.56 12.14
C PRO B 61 4.74 -13.52 10.95
N SER B 62 5.71 -14.43 11.06
CA SER B 62 6.05 -15.35 9.97
C SER B 62 5.00 -16.43 9.75
N ARG B 63 3.97 -16.50 10.58
CA ARG B 63 2.92 -17.50 10.44
C ARG B 63 1.81 -17.06 9.48
N PHE B 64 2.04 -16.00 8.70
CA PHE B 64 1.09 -15.51 7.71
C PHE B 64 1.62 -15.79 6.30
N SER B 65 0.70 -16.08 5.39
CA SER B 65 1.07 -16.37 4.00
C SER B 65 -0.15 -16.14 3.12
N ALA B 66 0.13 -15.87 1.85
CA ALA B 66 -0.94 -15.62 0.89
C ALA B 66 -0.52 -16.17 -0.48
N SER B 67 -1.52 -16.54 -1.26
CA SER B 67 -1.34 -17.03 -2.62
C SER B 67 -2.66 -16.86 -3.36
N GLY B 68 -2.79 -17.49 -4.51
CA GLY B 68 -4.05 -17.49 -5.22
C GLY B 68 -3.87 -17.67 -6.71
N SER B 69 -4.92 -18.21 -7.34
CA SER B 69 -4.99 -18.35 -8.79
C SER B 69 -5.69 -17.13 -9.38
N ASP B 70 -6.10 -17.24 -10.65
CA ASP B 70 -6.80 -16.13 -11.30
C ASP B 70 -8.10 -15.81 -10.58
N LYS B 71 -8.23 -14.54 -10.17
CA LYS B 71 -9.43 -13.98 -9.53
C LYS B 71 -9.89 -14.78 -8.32
N GLN B 72 -9.04 -15.67 -7.81
CA GLN B 72 -9.36 -16.50 -6.64
C GLN B 72 -8.10 -16.56 -5.78
N TYR B 73 -8.09 -15.79 -4.69
CA TYR B 73 -6.94 -15.69 -3.81
C TYR B 73 -7.31 -16.14 -2.40
N SER B 74 -6.28 -16.41 -1.59
CA SER B 74 -6.47 -16.92 -0.25
C SER B 74 -5.42 -16.34 0.68
N LEU B 75 -5.73 -16.39 1.98
CA LEU B 75 -4.83 -15.94 3.04
C LEU B 75 -4.78 -17.04 4.10
N LYS B 76 -3.62 -17.64 4.28
CA LYS B 76 -3.46 -18.78 5.18
C LYS B 76 -2.75 -18.36 6.47
N ILE B 77 -3.26 -18.85 7.59
CA ILE B 77 -2.67 -18.61 8.91
C ILE B 77 -2.41 -19.96 9.55
N ARG B 78 -1.17 -20.16 10.00
CA ARG B 78 -0.75 -21.40 10.64
C ARG B 78 -0.41 -21.14 12.09
N GLY B 79 -0.87 -22.00 12.99
CA GLY B 79 -0.62 -21.80 14.40
C GLY B 79 -1.38 -20.61 14.98
N LEU B 80 -2.70 -20.73 15.05
CA LEU B 80 -3.55 -19.62 15.49
C LEU B 80 -3.19 -19.18 16.91
N GLN B 81 -3.38 -17.89 17.17
CA GLN B 81 -3.13 -17.26 18.45
C GLN B 81 -4.34 -16.43 18.84
N PRO B 82 -4.53 -16.16 20.13
CA PRO B 82 -5.68 -15.34 20.55
C PRO B 82 -5.59 -13.89 20.11
N GLU B 83 -4.41 -13.39 19.72
CA GLU B 83 -4.30 -11.99 19.32
C GLU B 83 -4.95 -11.74 17.96
N ASP B 84 -4.55 -12.49 16.94
CA ASP B 84 -5.00 -12.25 15.57
C ASP B 84 -6.39 -12.83 15.32
N ALA B 85 -7.35 -12.35 16.12
CA ALA B 85 -8.76 -12.67 15.94
C ALA B 85 -9.48 -11.37 15.65
N ALA B 86 -9.52 -10.99 14.37
CA ALA B 86 -10.07 -9.70 13.96
C ALA B 86 -10.69 -9.85 12.58
N ILE B 87 -10.96 -8.72 11.94
CA ILE B 87 -11.57 -8.66 10.61
C ILE B 87 -10.48 -8.43 9.59
N TYR B 88 -10.57 -9.13 8.46
CA TYR B 88 -9.58 -9.06 7.40
C TYR B 88 -10.22 -8.59 6.11
N TYR B 89 -9.53 -7.71 5.39
CA TYR B 89 -10.00 -7.16 4.12
C TYR B 89 -8.99 -7.44 3.02
N CYS B 90 -9.48 -7.43 1.78
CA CYS B 90 -8.65 -7.57 0.60
C CYS B 90 -8.92 -6.41 -0.34
N GLN B 91 -7.85 -5.82 -0.89
CA GLN B 91 -7.96 -4.68 -1.78
C GLN B 91 -7.21 -4.96 -3.06
N GLN B 92 -7.83 -4.66 -4.19
CA GLN B 92 -7.20 -4.76 -5.49
C GLN B 92 -6.77 -3.37 -5.95
N HIS B 93 -5.61 -3.30 -6.60
CA HIS B 93 -5.08 -2.03 -7.09
C HIS B 93 -4.49 -2.21 -8.49
N TYR B 94 -5.20 -2.93 -9.35
CA TYR B 94 -4.77 -3.09 -10.74
C TYR B 94 -5.27 -1.96 -11.62
N ILE B 95 -6.57 -1.68 -11.59
CA ILE B 95 -7.16 -0.63 -12.40
C ILE B 95 -8.08 0.21 -11.51
N ALA B 96 -8.17 1.49 -11.84
CA ALA B 96 -9.00 2.40 -11.05
C ALA B 96 -10.48 2.09 -11.26
N PRO B 97 -11.31 2.23 -10.22
CA PRO B 97 -10.90 2.64 -8.87
C PRO B 97 -10.40 1.47 -8.02
N TYR B 98 -9.47 1.75 -7.11
CA TYR B 98 -8.92 0.74 -6.22
C TYR B 98 -9.93 0.47 -5.12
N THR B 99 -10.66 -0.63 -5.25
CA THR B 99 -11.77 -0.96 -4.35
C THR B 99 -11.33 -1.93 -3.26
N PHE B 100 -12.09 -1.94 -2.17
CA PHE B 100 -11.86 -2.82 -1.04
C PHE B 100 -12.82 -4.01 -1.09
N GLY B 101 -12.80 -4.82 -0.04
CA GLY B 101 -13.68 -5.97 0.08
C GLY B 101 -14.75 -5.79 1.12
N ALA B 102 -15.40 -6.90 1.47
CA ALA B 102 -16.46 -6.90 2.46
C ALA B 102 -15.90 -7.02 3.88
N GLY B 103 -15.14 -8.08 4.14
CA GLY B 103 -14.57 -8.28 5.48
C GLY B 103 -14.97 -9.62 6.04
N THR B 104 -13.99 -10.33 6.58
CA THR B 104 -14.19 -11.64 7.19
C THR B 104 -13.62 -11.63 8.59
N ARG B 105 -14.45 -11.94 9.58
CA ARG B 105 -14.06 -11.93 10.98
C ARG B 105 -13.83 -13.35 11.48
N LEU B 106 -12.74 -13.55 12.21
CA LEU B 106 -12.42 -14.84 12.79
C LEU B 106 -13.01 -14.97 14.18
N GLU B 107 -12.94 -16.19 14.72
CA GLU B 107 -13.45 -16.47 16.06
C GLU B 107 -12.69 -17.67 16.61
N ILE B 108 -11.92 -17.44 17.67
CA ILE B 108 -11.13 -18.51 18.28
C ILE B 108 -12.05 -19.39 19.13
N LYS B 109 -11.93 -20.70 18.97
CA LYS B 109 -12.75 -21.67 19.69
C LYS B 109 -11.98 -22.11 20.93
N ARG B 110 -12.48 -21.71 22.10
CA ARG B 110 -11.88 -22.06 23.39
C ARG B 110 -12.84 -22.96 24.17
N THR B 111 -12.47 -23.26 25.41
CA THR B 111 -13.34 -24.02 26.29
C THR B 111 -14.42 -23.12 26.88
N ASP B 112 -15.55 -23.73 27.23
CA ASP B 112 -16.67 -22.98 27.78
C ASP B 112 -16.32 -22.43 29.16
N ALA B 113 -16.55 -21.13 29.35
CA ALA B 113 -16.25 -20.47 30.61
C ALA B 113 -17.52 -19.89 31.22
N ALA B 114 -17.58 -19.91 32.55
CA ALA B 114 -18.73 -19.38 33.25
C ALA B 114 -18.63 -17.87 33.39
N PRO B 115 -19.73 -17.15 33.25
CA PRO B 115 -19.68 -15.69 33.35
C PRO B 115 -19.52 -15.21 34.78
N THR B 116 -18.70 -14.17 34.95
CA THR B 116 -18.51 -13.55 36.26
C THR B 116 -19.53 -12.43 36.41
N VAL B 117 -20.66 -12.74 37.03
CA VAL B 117 -21.77 -11.80 37.13
C VAL B 117 -21.57 -10.90 38.33
N SER B 118 -22.12 -9.69 38.26
CA SER B 118 -22.03 -8.72 39.34
C SER B 118 -23.12 -7.68 39.14
N ILE B 119 -23.63 -7.15 40.25
CA ILE B 119 -24.68 -6.15 40.23
C ILE B 119 -24.20 -4.93 41.00
N PHE B 120 -24.66 -3.75 40.58
CA PHE B 120 -24.27 -2.49 41.19
C PHE B 120 -25.50 -1.60 41.37
N PRO B 121 -25.74 -1.09 42.56
CA PRO B 121 -26.90 -0.22 42.79
C PRO B 121 -26.63 1.18 42.28
N PRO B 122 -27.67 1.98 42.09
CA PRO B 122 -27.46 3.38 41.68
C PRO B 122 -26.71 4.16 42.74
N SER B 123 -25.87 5.09 42.29
CA SER B 123 -25.04 5.87 43.20
C SER B 123 -25.82 7.08 43.72
N SER B 124 -25.24 7.72 44.74
CA SER B 124 -25.86 8.91 45.31
C SER B 124 -25.75 10.10 44.36
N GLU B 125 -24.72 10.14 43.53
CA GLU B 125 -24.59 11.23 42.57
C GLU B 125 -25.65 11.14 41.48
N GLN B 126 -26.02 9.92 41.09
CA GLN B 126 -27.04 9.75 40.06
C GLN B 126 -28.43 10.09 40.60
N LEU B 127 -28.67 9.86 41.89
CA LEU B 127 -29.97 10.17 42.46
C LEU B 127 -30.26 11.67 42.43
N THR B 128 -29.21 12.51 42.40
CA THR B 128 -29.42 13.94 42.29
C THR B 128 -30.00 14.32 40.93
N SER B 129 -29.73 13.51 39.90
CA SER B 129 -30.25 13.80 38.57
C SER B 129 -31.73 13.50 38.43
N GLY B 130 -32.30 12.73 39.36
CA GLY B 130 -33.71 12.38 39.31
C GLY B 130 -33.99 10.99 38.79
N GLY B 131 -33.02 10.34 38.15
CA GLY B 131 -33.22 9.00 37.64
C GLY B 131 -32.31 7.98 38.29
N ALA B 132 -32.64 6.69 38.13
CA ALA B 132 -31.84 5.61 38.69
C ALA B 132 -31.47 4.64 37.58
N SER B 133 -30.30 4.00 37.75
CA SER B 133 -29.80 3.05 36.77
C SER B 133 -29.08 1.93 37.50
N VAL B 134 -29.59 0.71 37.38
CA VAL B 134 -28.97 -0.48 37.96
C VAL B 134 -28.11 -1.15 36.89
N VAL B 135 -26.86 -1.43 37.23
CA VAL B 135 -25.89 -2.00 36.29
C VAL B 135 -25.63 -3.45 36.68
N CYS B 136 -25.56 -4.31 35.68
CA CYS B 136 -25.28 -5.73 35.88
C CYS B 136 -24.24 -6.16 34.86
N PHE B 137 -23.06 -6.53 35.34
CA PHE B 137 -21.94 -6.90 34.48
C PHE B 137 -21.84 -8.41 34.35
N LEU B 138 -21.48 -8.87 33.15
CA LEU B 138 -21.27 -10.29 32.86
C LEU B 138 -20.00 -10.39 32.02
N ASN B 139 -18.87 -10.62 32.68
CA ASN B 139 -17.57 -10.58 32.02
C ASN B 139 -16.97 -11.98 31.91
N ASN B 140 -16.15 -12.16 30.88
CA ASN B 140 -15.28 -13.33 30.73
C ASN B 140 -16.08 -14.64 30.69
N PHE B 141 -16.87 -14.77 29.62
CA PHE B 141 -17.60 -16.01 29.37
C PHE B 141 -17.47 -16.40 27.90
N TYR B 142 -17.88 -17.64 27.60
CA TYR B 142 -17.84 -18.21 26.27
C TYR B 142 -18.83 -19.36 26.21
N PRO B 143 -19.61 -19.50 25.12
CA PRO B 143 -19.60 -18.66 23.93
C PRO B 143 -20.35 -17.34 24.10
N LYS B 144 -20.61 -16.65 22.99
CA LYS B 144 -21.24 -15.34 23.03
C LYS B 144 -22.74 -15.40 23.24
N ASP B 145 -23.37 -16.55 23.00
CA ASP B 145 -24.81 -16.69 23.15
C ASP B 145 -25.16 -16.73 24.64
N ILE B 146 -25.71 -15.64 25.16
CA ILE B 146 -26.11 -15.53 26.55
C ILE B 146 -27.37 -14.68 26.62
N ASN B 147 -28.15 -14.88 27.68
CA ASN B 147 -29.40 -14.16 27.88
C ASN B 147 -29.43 -13.56 29.28
N VAL B 148 -30.06 -12.40 29.40
CA VAL B 148 -30.16 -11.67 30.66
C VAL B 148 -31.63 -11.36 30.93
N LYS B 149 -31.96 -11.21 32.20
CA LYS B 149 -33.33 -10.94 32.61
C LYS B 149 -33.30 -10.19 33.94
N TRP B 150 -34.20 -9.22 34.08
CA TRP B 150 -34.32 -8.40 35.28
C TRP B 150 -35.58 -8.75 36.04
N LYS B 151 -35.49 -8.72 37.36
CA LYS B 151 -36.61 -9.00 38.24
C LYS B 151 -36.76 -7.87 39.25
N ILE B 152 -37.99 -7.35 39.39
CA ILE B 152 -38.30 -6.30 40.34
C ILE B 152 -39.31 -6.89 41.33
N ASP B 153 -38.85 -7.22 42.54
CA ASP B 153 -39.67 -7.85 43.57
C ASP B 153 -40.26 -9.17 43.08
N GLY B 154 -39.53 -9.89 42.22
CA GLY B 154 -40.00 -11.14 41.67
C GLY B 154 -40.73 -11.03 40.35
N SER B 155 -41.21 -9.84 39.99
CA SER B 155 -41.92 -9.63 38.74
C SER B 155 -40.94 -9.37 37.61
N GLU B 156 -41.30 -9.83 36.41
CA GLU B 156 -40.44 -9.69 35.25
C GLU B 156 -40.54 -8.28 34.68
N ARG B 157 -39.40 -7.75 34.24
CA ARG B 157 -39.31 -6.42 33.65
C ARG B 157 -38.47 -6.49 32.38
N GLN B 158 -39.06 -6.15 31.25
CA GLN B 158 -38.42 -6.25 29.95
C GLN B 158 -38.65 -4.98 29.13
N ASN B 159 -38.55 -3.82 29.76
CA ASN B 159 -38.67 -2.55 29.05
C ASN B 159 -37.80 -1.51 29.74
N GLY B 160 -37.30 -0.57 28.95
CA GLY B 160 -36.40 0.44 29.47
C GLY B 160 -35.01 -0.06 29.79
N VAL B 161 -34.64 -1.24 29.30
CA VAL B 161 -33.34 -1.84 29.56
C VAL B 161 -32.45 -1.63 28.36
N LEU B 162 -31.22 -1.19 28.60
CA LEU B 162 -30.22 -0.96 27.56
C LEU B 162 -28.99 -1.79 27.85
N ASN B 163 -28.65 -2.70 26.94
CA ASN B 163 -27.51 -3.59 27.10
C ASN B 163 -26.64 -3.56 25.86
N SER B 164 -25.36 -3.86 26.05
CA SER B 164 -24.39 -3.90 24.97
C SER B 164 -23.44 -5.07 25.18
N TRP B 165 -22.76 -5.46 24.11
CA TRP B 165 -21.85 -6.58 24.12
C TRP B 165 -20.49 -6.17 23.56
N THR B 166 -19.45 -6.81 24.07
CA THR B 166 -18.09 -6.57 23.62
C THR B 166 -17.65 -7.65 22.64
N ASP B 167 -16.67 -7.31 21.81
CA ASP B 167 -16.10 -8.28 20.88
C ASP B 167 -15.23 -9.28 21.63
N GLN B 168 -14.71 -10.26 20.89
CA GLN B 168 -13.86 -11.28 21.50
C GLN B 168 -12.56 -10.68 21.98
N ASP B 169 -12.13 -11.07 23.18
CA ASP B 169 -10.93 -10.52 23.78
C ASP B 169 -9.70 -11.04 23.05
N SER B 170 -8.69 -10.18 22.94
CA SER B 170 -7.43 -10.51 22.28
C SER B 170 -6.42 -11.16 23.22
N LYS B 171 -6.81 -11.44 24.46
CA LYS B 171 -5.92 -12.05 25.44
C LYS B 171 -6.40 -13.40 25.92
N ASP B 172 -7.69 -13.55 26.21
CA ASP B 172 -8.24 -14.83 26.64
C ASP B 172 -9.41 -15.30 25.79
N SER B 173 -9.77 -14.58 24.72
CA SER B 173 -10.80 -15.00 23.79
C SER B 173 -12.16 -15.18 24.47
N THR B 174 -12.50 -14.26 25.37
CA THR B 174 -13.77 -14.29 26.07
C THR B 174 -14.59 -13.06 25.72
N TYR B 175 -15.89 -13.13 26.00
CA TYR B 175 -16.84 -12.06 25.72
C TYR B 175 -17.32 -11.45 27.03
N SER B 176 -18.06 -10.34 26.90
CA SER B 176 -18.59 -9.64 28.04
C SER B 176 -19.86 -8.89 27.64
N MET B 177 -20.71 -8.62 28.64
CA MET B 177 -21.98 -7.96 28.40
C MET B 177 -22.30 -7.08 29.60
N SER B 178 -22.89 -5.91 29.33
CA SER B 178 -23.30 -4.97 30.36
C SER B 178 -24.75 -4.57 30.11
N SER B 179 -25.61 -4.83 31.09
CA SER B 179 -27.01 -4.46 31.02
C SER B 179 -27.30 -3.37 32.04
N THR B 180 -28.22 -2.47 31.68
CA THR B 180 -28.55 -1.32 32.52
C THR B 180 -30.05 -1.11 32.50
N LEU B 181 -30.68 -1.19 33.67
CA LEU B 181 -32.11 -0.93 33.83
C LEU B 181 -32.28 0.50 34.31
N THR B 182 -32.84 1.35 33.45
CA THR B 182 -33.00 2.77 33.74
C THR B 182 -34.43 3.06 34.21
N LEU B 183 -34.54 3.71 35.36
CA LEU B 183 -35.83 4.12 35.91
C LEU B 183 -35.68 5.50 36.52
N THR B 184 -36.77 6.00 37.10
CA THR B 184 -36.78 7.28 37.77
C THR B 184 -36.76 7.09 39.28
N LYS B 185 -36.54 8.20 39.99
CA LYS B 185 -36.54 8.14 41.45
C LYS B 185 -37.93 7.85 41.98
N ASP B 186 -38.97 8.36 41.31
CA ASP B 186 -40.34 8.12 41.77
C ASP B 186 -40.66 6.63 41.74
N GLU B 187 -40.19 5.91 40.73
CA GLU B 187 -40.44 4.48 40.65
C GLU B 187 -39.43 3.67 41.46
N TYR B 188 -38.21 4.17 41.60
CA TYR B 188 -37.17 3.43 42.34
C TYR B 188 -37.49 3.37 43.82
N GLU B 189 -38.19 4.37 44.36
CA GLU B 189 -38.53 4.40 45.78
C GLU B 189 -39.77 3.56 46.10
N ARG B 190 -40.41 2.96 45.10
CA ARG B 190 -41.59 2.14 45.34
C ARG B 190 -41.26 0.69 45.66
N HIS B 191 -40.21 0.15 45.05
CA HIS B 191 -39.84 -1.25 45.23
C HIS B 191 -38.61 -1.36 46.14
N ASN B 192 -38.34 -2.59 46.56
CA ASN B 192 -37.26 -2.87 47.51
C ASN B 192 -36.14 -3.71 46.89
N SER B 193 -36.46 -4.85 46.33
CA SER B 193 -35.46 -5.79 45.83
C SER B 193 -35.36 -5.71 44.31
N TYR B 194 -34.14 -5.89 43.80
CA TYR B 194 -33.87 -5.91 42.37
C TYR B 194 -32.93 -7.07 42.07
N THR B 195 -33.27 -7.89 41.08
CA THR B 195 -32.55 -9.10 40.78
C THR B 195 -32.10 -9.10 39.32
N CYS B 196 -30.89 -9.62 39.08
CA CYS B 196 -30.33 -9.75 37.74
C CYS B 196 -30.02 -11.23 37.50
N GLU B 197 -30.81 -11.86 36.64
CA GLU B 197 -30.63 -13.27 36.30
C GLU B 197 -29.97 -13.40 34.93
N ALA B 198 -29.32 -14.55 34.72
CA ALA B 198 -28.61 -14.84 33.49
C ALA B 198 -28.72 -16.31 33.16
N THR B 199 -28.87 -16.62 31.89
CA THR B 199 -28.97 -18.00 31.40
C THR B 199 -27.89 -18.24 30.36
N HIS B 200 -27.01 -19.20 30.64
CA HIS B 200 -25.92 -19.55 29.75
C HIS B 200 -25.87 -21.06 29.59
N LYS B 201 -25.24 -21.52 28.52
CA LYS B 201 -25.17 -22.95 28.24
C LYS B 201 -24.19 -23.69 29.15
N THR B 202 -23.39 -22.96 29.94
CA THR B 202 -22.48 -23.62 30.88
C THR B 202 -23.22 -24.31 32.01
N SER B 203 -24.45 -23.88 32.31
CA SER B 203 -25.24 -24.50 33.36
C SER B 203 -26.71 -24.20 33.09
N THR B 204 -27.55 -25.25 33.09
CA THR B 204 -28.97 -25.06 32.85
C THR B 204 -29.64 -24.24 33.95
N SER B 205 -29.09 -24.29 35.15
CA SER B 205 -29.64 -23.49 36.26
C SER B 205 -29.20 -22.05 36.11
N PRO B 206 -30.12 -21.09 36.05
CA PRO B 206 -29.71 -19.68 35.87
C PRO B 206 -29.05 -19.14 37.12
N ILE B 207 -28.00 -18.34 36.92
CA ILE B 207 -27.30 -17.71 38.03
C ILE B 207 -28.07 -16.47 38.47
N VAL B 208 -28.12 -16.24 39.78
CA VAL B 208 -28.95 -15.20 40.36
C VAL B 208 -28.08 -14.31 41.25
N LYS B 209 -28.24 -13.00 41.12
CA LYS B 209 -27.56 -12.04 41.98
C LYS B 209 -28.47 -10.84 42.17
N SER B 210 -28.86 -10.57 43.41
CA SER B 210 -29.82 -9.53 43.72
C SER B 210 -29.29 -8.67 44.86
N PHE B 211 -30.07 -7.65 45.21
CA PHE B 211 -29.74 -6.74 46.30
C PHE B 211 -31.01 -6.03 46.75
N ASN B 212 -31.04 -5.66 48.03
CA ASN B 212 -32.19 -4.97 48.61
C ASN B 212 -31.90 -3.49 48.76
N ARG B 213 -32.96 -2.73 49.07
CA ARG B 213 -32.84 -1.29 49.24
C ARG B 213 -33.06 -0.89 50.69
N THR C 13 10.47 25.68 -55.04
CA THR C 13 10.60 24.40 -55.74
C THR C 13 10.17 23.25 -54.85
N ASP C 14 8.96 22.75 -55.08
CA ASP C 14 8.39 21.66 -54.29
C ASP C 14 8.43 20.35 -55.06
N THR C 15 8.32 19.25 -54.32
CA THR C 15 8.32 17.92 -54.89
C THR C 15 7.28 17.07 -54.17
N ALA C 16 6.78 16.05 -54.86
CA ALA C 16 5.69 15.21 -54.34
C ALA C 16 6.24 14.26 -53.28
N HIS C 17 6.52 14.82 -52.10
CA HIS C 17 6.92 14.06 -50.93
C HIS C 17 5.95 14.27 -49.77
N GLY C 18 4.67 14.43 -50.08
CA GLY C 18 3.68 14.75 -49.08
C GLY C 18 3.38 13.62 -48.13
N SER C 19 2.51 13.91 -47.16
CA SER C 19 2.08 12.95 -46.18
C SER C 19 0.80 12.25 -46.64
N GLY C 20 0.38 11.25 -45.88
CA GLY C 20 -0.82 10.51 -46.23
C GLY C 20 -2.06 11.37 -46.03
N ILE C 21 -2.81 11.60 -47.10
CA ILE C 21 -4.04 12.39 -47.03
C ILE C 21 -5.20 11.47 -46.69
N ILE C 22 -5.95 11.82 -45.65
CA ILE C 22 -7.04 10.98 -45.17
C ILE C 22 -8.35 11.76 -45.24
N PRO C 23 -9.31 11.33 -46.06
CA PRO C 23 -10.60 12.02 -46.08
C PRO C 23 -11.41 11.69 -44.84
N MET C 24 -12.02 12.73 -44.27
CA MET C 24 -12.75 12.60 -43.00
C MET C 24 -14.24 12.37 -43.25
N ARG C 25 -14.54 11.29 -43.96
CA ARG C 25 -15.93 10.86 -44.10
C ARG C 25 -16.42 10.19 -42.83
N THR C 26 -15.55 9.43 -42.16
CA THR C 26 -15.86 8.78 -40.90
C THR C 26 -14.78 9.15 -39.88
N ASP C 27 -15.02 8.76 -38.63
CA ASP C 27 -14.04 9.02 -37.58
C ASP C 27 -12.76 8.24 -37.83
N LEU C 28 -11.66 8.77 -37.31
CA LEU C 28 -10.34 8.18 -37.47
C LEU C 28 -9.93 7.56 -36.14
N GLU C 29 -10.00 6.24 -36.05
CA GLU C 29 -9.60 5.51 -34.86
C GLU C 29 -8.32 4.75 -35.13
N LEU C 30 -7.45 4.68 -34.12
CA LEU C 30 -6.15 4.04 -34.25
C LEU C 30 -5.80 3.30 -32.97
N ASP C 31 -5.16 2.15 -33.11
CA ASP C 31 -4.62 1.39 -31.99
C ASP C 31 -3.11 1.25 -32.18
N PHE C 32 -2.37 1.46 -31.08
CA PHE C 32 -0.91 1.42 -31.11
C PHE C 32 -0.41 0.46 -30.06
N SER C 33 0.73 -0.18 -30.34
CA SER C 33 1.45 -1.02 -29.39
C SER C 33 2.89 -0.50 -29.35
N LEU C 34 3.13 0.50 -28.52
CA LEU C 34 4.45 1.12 -28.47
C LEU C 34 5.42 0.25 -27.70
N PRO C 35 6.61 -0.01 -28.23
CA PRO C 35 7.65 -0.68 -27.45
C PRO C 35 8.08 0.19 -26.27
N SER C 36 8.90 -0.39 -25.41
CA SER C 36 9.33 0.31 -24.20
C SER C 36 10.21 1.50 -24.55
N SER C 37 11.35 1.26 -25.19
CA SER C 37 12.29 2.31 -25.56
C SER C 37 12.07 2.75 -27.01
N ALA C 38 10.86 3.22 -27.30
CA ALA C 38 10.52 3.67 -28.64
C ALA C 38 9.65 4.90 -28.59
N SER C 39 9.93 5.85 -29.48
CA SER C 39 9.15 7.08 -29.61
C SER C 39 8.48 7.09 -30.98
N TYR C 40 7.16 7.26 -30.99
CA TYR C 40 6.37 7.20 -32.21
C TYR C 40 6.13 8.60 -32.76
N THR C 41 6.02 8.69 -34.08
CA THR C 41 5.71 9.95 -34.78
C THR C 41 4.72 9.62 -35.89
N TYR C 42 3.44 9.78 -35.59
CA TYR C 42 2.37 9.56 -36.56
C TYR C 42 1.82 10.91 -37.00
N ARG C 43 1.88 11.18 -38.29
CA ARG C 43 1.37 12.44 -38.83
C ARG C 43 0.69 12.18 -40.18
N ARG C 44 -0.44 12.83 -40.39
CA ARG C 44 -1.19 12.74 -41.63
C ARG C 44 -1.72 14.13 -41.96
N GLN C 45 -2.61 14.19 -42.96
CA GLN C 45 -3.30 15.42 -43.34
C GLN C 45 -4.78 15.10 -43.52
N LEU C 46 -5.60 15.54 -42.58
CA LEU C 46 -7.03 15.26 -42.61
C LEU C 46 -7.71 16.17 -43.63
N GLN C 47 -8.42 15.56 -44.57
CA GLN C 47 -9.02 16.27 -45.70
C GLN C 47 -10.52 16.46 -45.47
N ASN C 48 -11.00 17.66 -45.78
CA ASN C 48 -12.42 17.95 -45.73
C ASN C 48 -13.13 17.20 -46.85
N PRO C 49 -14.10 16.33 -46.55
CA PRO C 49 -14.80 15.62 -47.63
C PRO C 49 -15.66 16.52 -48.51
N ALA C 50 -15.81 17.79 -48.16
CA ALA C 50 -16.56 18.75 -48.97
C ALA C 50 -15.68 19.63 -49.83
N ASN C 51 -14.35 19.53 -49.70
CA ASN C 51 -13.44 20.34 -50.50
C ASN C 51 -12.11 19.63 -50.55
N GLU C 52 -11.67 19.26 -51.76
CA GLU C 52 -10.40 18.53 -51.90
C GLU C 52 -9.20 19.38 -51.51
N GLN C 53 -9.31 20.70 -51.63
CA GLN C 53 -8.20 21.59 -51.38
C GLN C 53 -8.15 22.10 -49.95
N GLU C 54 -9.03 21.60 -49.08
CA GLU C 54 -9.03 21.96 -47.67
C GLU C 54 -8.45 20.80 -46.87
N LYS C 55 -7.21 20.97 -46.39
CA LYS C 55 -6.53 19.96 -45.61
C LYS C 55 -5.85 20.60 -44.42
N ILE C 56 -5.93 19.94 -43.26
CA ILE C 56 -5.30 20.43 -42.04
C ILE C 56 -4.31 19.39 -41.56
N PRO C 57 -3.17 19.79 -41.00
CA PRO C 57 -2.20 18.82 -40.51
C PRO C 57 -2.61 18.22 -39.18
N PHE C 58 -2.26 16.95 -38.99
CA PHE C 58 -2.51 16.23 -37.75
C PHE C 58 -1.23 15.50 -37.36
N HIS C 59 -0.64 15.90 -36.24
CA HIS C 59 0.61 15.32 -35.76
C HIS C 59 0.39 14.69 -34.39
N LEU C 60 0.98 13.52 -34.19
CA LEU C 60 0.88 12.79 -32.93
C LEU C 60 2.27 12.34 -32.51
N GLN C 61 2.75 12.86 -31.39
CA GLN C 61 4.09 12.55 -30.88
C GLN C 61 3.95 11.90 -29.51
N ILE C 62 4.50 10.71 -29.36
CA ILE C 62 4.46 9.95 -28.12
C ILE C 62 5.89 9.64 -27.69
N SER C 63 6.21 9.93 -26.43
CA SER C 63 7.56 9.77 -25.92
C SER C 63 7.79 8.32 -25.51
N LYS C 64 8.92 8.07 -24.84
CA LYS C 64 9.24 6.74 -24.35
C LYS C 64 8.45 6.45 -23.07
N GLN C 65 8.56 5.21 -22.60
CA GLN C 65 7.83 4.75 -21.43
C GLN C 65 8.64 5.07 -20.17
N VAL C 66 7.97 5.65 -19.18
CA VAL C 66 8.58 5.98 -17.89
C VAL C 66 7.99 5.03 -16.86
N ILE C 67 8.83 4.14 -16.33
CA ILE C 67 8.39 3.15 -15.35
C ILE C 67 8.59 3.71 -13.96
N HIS C 68 7.50 3.83 -13.20
CA HIS C 68 7.53 4.29 -11.82
C HIS C 68 7.15 3.12 -10.91
N ALA C 69 8.08 2.71 -10.06
CA ALA C 69 7.90 1.55 -9.20
C ALA C 69 8.08 1.97 -7.74
N GLU C 70 6.98 1.99 -6.99
CA GLU C 70 7.06 2.15 -5.55
C GLU C 70 7.70 0.90 -4.94
N ILE C 71 8.87 1.05 -4.33
CA ILE C 71 9.68 -0.07 -3.91
C ILE C 71 9.81 -0.07 -2.38
N GLN C 72 10.35 -1.17 -1.87
CA GLN C 72 10.67 -1.32 -0.46
C GLN C 72 12.16 -1.61 -0.35
N HIS C 73 12.88 -0.75 0.37
CA HIS C 73 14.33 -0.91 0.51
C HIS C 73 14.63 -2.13 1.37
N LEU C 74 15.14 -3.19 0.74
CA LEU C 74 15.48 -4.40 1.48
C LEU C 74 16.80 -4.26 2.21
N GLY C 75 17.72 -3.44 1.71
CA GLY C 75 19.00 -3.22 2.34
C GLY C 75 20.15 -3.67 1.44
N HIS C 76 21.26 -4.03 2.08
CA HIS C 76 22.45 -4.48 1.38
C HIS C 76 22.60 -5.99 1.51
N TRP C 77 23.06 -6.62 0.43
CA TRP C 77 23.35 -8.05 0.44
C TRP C 77 24.81 -8.26 0.83
N MET C 78 25.02 -9.08 1.86
CA MET C 78 26.35 -9.30 2.41
C MET C 78 26.89 -10.66 1.97
N ASP C 79 28.21 -10.73 1.83
CA ASP C 79 28.92 -11.96 1.49
C ASP C 79 29.91 -12.28 2.60
N GLY C 80 29.92 -13.54 3.04
CA GLY C 80 30.79 -13.96 4.11
C GLY C 80 31.49 -15.27 3.76
N THR C 81 32.30 -15.73 4.72
CA THR C 81 33.06 -16.96 4.59
C THR C 81 32.67 -17.92 5.71
N PHE C 82 32.52 -19.19 5.36
CA PHE C 82 32.12 -20.21 6.32
C PHE C 82 33.31 -20.62 7.19
N ASN C 83 33.06 -20.76 8.49
CA ASN C 83 34.07 -21.19 9.44
C ASN C 83 33.42 -22.02 10.53
N LEU C 84 34.15 -23.03 11.01
CA LEU C 84 33.66 -23.91 12.06
C LEU C 84 34.76 -24.14 13.08
N LYS C 85 34.41 -24.00 14.35
CA LYS C 85 35.34 -24.24 15.45
C LYS C 85 34.69 -25.15 16.49
N THR C 86 35.53 -25.79 17.30
CA THR C 86 35.09 -26.70 18.32
C THR C 86 35.71 -26.34 19.66
N ALA C 87 34.93 -26.45 20.72
CA ALA C 87 35.39 -26.15 22.08
C ALA C 87 35.01 -27.30 23.00
N PHE C 88 36.01 -27.85 23.69
CA PHE C 88 35.81 -28.97 24.60
C PHE C 88 36.12 -28.55 26.03
N HIS C 89 35.35 -29.07 26.98
CA HIS C 89 35.56 -28.83 28.39
C HIS C 89 35.36 -30.13 29.16
N CYS C 90 36.14 -30.30 30.23
CA CYS C 90 36.11 -31.55 30.96
C CYS C 90 35.00 -31.59 32.01
N TYR C 91 34.85 -30.51 32.76
CA TYR C 91 33.82 -30.44 33.80
C TYR C 91 32.97 -29.19 33.57
N GLY C 92 31.80 -29.18 34.20
CA GLY C 92 30.89 -28.06 34.09
C GLY C 92 29.79 -28.30 33.08
N SER C 93 29.24 -27.22 32.52
CA SER C 93 28.17 -27.29 31.55
C SER C 93 28.51 -26.42 30.35
N CYS C 94 27.77 -26.62 29.26
CA CYS C 94 28.01 -25.85 28.04
C CYS C 94 27.52 -24.42 28.18
N GLU C 95 26.52 -24.18 29.04
CA GLU C 95 25.97 -22.85 29.26
C GLU C 95 26.65 -22.13 30.40
N LYS C 96 27.92 -22.43 30.65
CA LYS C 96 28.70 -21.82 31.74
C LYS C 96 29.83 -20.95 31.24
N TYR C 97 30.48 -21.31 30.13
CA TYR C 97 31.62 -20.59 29.60
C TYR C 97 31.24 -19.86 28.31
N ALA C 98 32.16 -19.02 27.86
CA ALA C 98 32.00 -18.26 26.63
C ALA C 98 32.88 -18.85 25.53
N TYR C 99 32.58 -18.47 24.29
CA TYR C 99 33.27 -18.97 23.12
C TYR C 99 33.53 -17.83 22.15
N PRO C 100 34.62 -17.92 21.38
CA PRO C 100 34.95 -16.80 20.47
C PRO C 100 33.98 -16.64 19.32
N TRP C 101 33.16 -17.64 19.02
CA TRP C 101 32.19 -17.50 17.94
C TRP C 101 30.92 -16.79 18.37
N GLN C 102 30.63 -16.76 19.68
CA GLN C 102 29.42 -16.11 20.16
C GLN C 102 29.42 -14.61 19.96
N THR C 103 30.59 -14.01 19.75
CA THR C 103 30.71 -12.56 19.59
C THR C 103 30.84 -12.13 18.13
N ALA C 104 30.71 -13.06 17.19
CA ALA C 104 30.82 -12.73 15.79
C ALA C 104 29.53 -12.07 15.30
N GLY C 105 29.52 -11.69 14.01
CA GLY C 105 28.33 -11.07 13.45
C GLY C 105 27.19 -12.04 13.28
N CYS C 106 27.45 -13.17 12.63
CA CYS C 106 26.47 -14.23 12.45
C CYS C 106 27.07 -15.53 12.96
N PHE C 107 26.35 -16.21 13.86
CA PHE C 107 26.86 -17.45 14.43
C PHE C 107 25.70 -18.37 14.81
N ILE C 108 25.91 -19.67 14.61
CA ILE C 108 24.96 -20.70 15.01
C ILE C 108 25.74 -21.77 15.76
N GLU C 109 25.29 -22.07 16.98
CA GLU C 109 26.01 -22.97 17.87
C GLU C 109 25.13 -24.16 18.23
N LYS C 110 25.68 -25.36 18.10
CA LYS C 110 25.05 -26.60 18.56
C LYS C 110 26.01 -27.30 19.51
N ASP C 111 25.59 -27.48 20.76
CA ASP C 111 26.45 -28.04 21.79
C ASP C 111 25.89 -29.37 22.28
N TYR C 112 26.80 -30.29 22.61
CA TYR C 112 26.43 -31.60 23.15
C TYR C 112 26.62 -31.56 24.66
N GLU C 113 25.65 -30.93 25.33
CA GLU C 113 25.74 -30.73 26.78
C GLU C 113 25.51 -32.04 27.52
N TYR C 114 26.41 -32.36 28.45
CA TYR C 114 26.36 -33.53 29.32
C TYR C 114 26.51 -34.84 28.56
N GLU C 115 26.94 -34.80 27.29
CA GLU C 115 27.07 -36.00 26.47
C GLU C 115 28.50 -36.51 26.40
N SER C 116 29.26 -36.37 27.48
CA SER C 116 30.65 -36.83 27.52
C SER C 116 30.66 -38.30 27.94
N GLY C 117 30.90 -39.18 26.97
CA GLY C 117 31.03 -40.59 27.26
C GLY C 117 32.46 -40.96 27.59
N TRP C 118 32.98 -42.01 26.94
CA TRP C 118 34.39 -42.35 27.05
C TRP C 118 35.07 -42.64 25.71
N GLY C 119 34.33 -43.03 24.68
CA GLY C 119 34.95 -43.30 23.39
C GLY C 119 35.37 -42.04 22.66
N CYS C 120 34.68 -40.93 22.93
CA CYS C 120 35.02 -39.64 22.34
C CYS C 120 35.89 -38.79 23.25
N ASN C 121 36.32 -39.32 24.40
CA ASN C 121 37.05 -38.55 25.39
C ASN C 121 38.54 -38.48 25.05
N PRO C 122 39.22 -37.41 25.45
CA PRO C 122 40.65 -37.27 25.16
C PRO C 122 41.47 -38.11 26.13
N PRO C 123 42.81 -38.11 26.00
CA PRO C 123 43.62 -38.77 27.03
C PRO C 123 43.39 -38.23 28.42
N ASP C 124 43.05 -36.95 28.55
CA ASP C 124 42.66 -36.37 29.83
C ASP C 124 41.18 -36.62 30.08
N CYS C 125 40.70 -36.13 31.23
CA CYS C 125 39.29 -36.17 31.61
C CYS C 125 38.74 -37.60 31.64
N PRO C 126 39.15 -38.43 32.59
CA PRO C 126 38.56 -39.78 32.72
C PRO C 126 37.19 -39.76 33.38
N GLY C 127 36.25 -39.03 32.75
CA GLY C 127 34.92 -38.88 33.31
C GLY C 127 33.87 -39.25 32.29
N VAL C 128 32.65 -39.44 32.78
CA VAL C 128 31.50 -39.81 31.97
C VAL C 128 30.32 -38.92 32.33
N GLY C 129 29.67 -38.36 31.31
CA GLY C 129 28.50 -37.53 31.53
C GLY C 129 28.77 -36.26 32.33
N THR C 130 29.95 -35.67 32.16
CA THR C 130 30.31 -34.46 32.91
C THR C 130 30.93 -33.37 32.05
N GLY C 131 31.33 -33.67 30.82
CA GLY C 131 32.01 -32.70 29.97
C GLY C 131 31.04 -31.88 29.14
N CYS C 132 31.60 -31.14 28.20
CA CYS C 132 30.82 -30.30 27.30
C CYS C 132 31.56 -30.16 25.98
N THR C 133 30.85 -30.36 24.88
CA THR C 133 31.41 -30.23 23.53
C THR C 133 30.54 -29.25 22.76
N ALA C 134 31.04 -28.03 22.58
CA ALA C 134 30.33 -26.99 21.86
C ALA C 134 30.92 -26.80 20.47
N CYS C 135 30.05 -26.58 19.49
CA CYS C 135 30.46 -26.37 18.10
C CYS C 135 29.86 -25.08 17.60
N GLY C 136 30.71 -24.22 17.02
CA GLY C 136 30.25 -22.94 16.55
C GLY C 136 30.52 -22.68 15.08
N VAL C 137 29.46 -22.39 14.33
CA VAL C 137 29.56 -21.99 12.93
C VAL C 137 29.35 -20.49 12.85
N TYR C 138 30.36 -19.76 12.37
CA TYR C 138 30.28 -18.32 12.26
C TYR C 138 30.72 -17.89 10.87
N LEU C 139 30.41 -16.63 10.54
CA LEU C 139 30.72 -16.04 9.24
C LEU C 139 31.59 -14.82 9.46
N ASP C 140 32.67 -14.73 8.69
CA ASP C 140 33.60 -13.60 8.76
C ASP C 140 33.75 -12.98 7.37
N LYS C 141 34.50 -11.88 7.30
CA LYS C 141 34.74 -11.15 6.06
C LYS C 141 33.42 -10.71 5.42
N LEU C 142 32.52 -10.18 6.25
CA LEU C 142 31.24 -9.69 5.76
C LEU C 142 31.43 -8.38 5.00
N LYS C 143 31.15 -8.40 3.71
CA LYS C 143 31.29 -7.24 2.86
C LYS C 143 30.09 -7.14 1.93
N SER C 144 29.64 -5.91 1.69
CA SER C 144 28.46 -5.70 0.85
C SER C 144 28.80 -5.97 -0.62
N VAL C 145 27.88 -6.63 -1.31
CA VAL C 145 28.06 -6.94 -2.72
C VAL C 145 26.99 -6.31 -3.61
N GLY C 146 25.87 -5.86 -3.06
CA GLY C 146 24.83 -5.27 -3.89
C GLY C 146 23.70 -4.76 -3.03
N LYS C 147 22.78 -4.05 -3.69
CA LYS C 147 21.61 -3.48 -3.05
C LYS C 147 20.35 -4.13 -3.61
N ALA C 148 19.39 -4.38 -2.73
CA ALA C 148 18.17 -5.09 -3.10
C ALA C 148 16.95 -4.22 -2.81
N PHE C 149 15.99 -4.25 -3.74
CA PHE C 149 14.73 -3.56 -3.59
C PHE C 149 13.58 -4.50 -3.96
N LYS C 150 12.43 -4.29 -3.33
CA LYS C 150 11.27 -5.14 -3.53
C LYS C 150 10.12 -4.29 -4.08
N ILE C 151 9.57 -4.73 -5.20
CA ILE C 151 8.53 -3.96 -5.90
C ILE C 151 7.22 -4.08 -5.13
N VAL C 152 6.60 -2.94 -4.85
CA VAL C 152 5.30 -2.90 -4.19
C VAL C 152 4.17 -2.58 -5.18
N SER C 153 4.40 -1.62 -6.08
CA SER C 153 3.42 -1.26 -7.08
C SER C 153 4.13 -0.72 -8.31
N LEU C 154 3.43 -0.71 -9.44
CA LEU C 154 3.99 -0.26 -10.70
C LEU C 154 3.08 0.76 -11.35
N ARG C 155 3.70 1.66 -12.13
CA ARG C 155 2.98 2.72 -12.82
C ARG C 155 3.75 3.08 -14.09
N TYR C 156 3.03 3.23 -15.19
CA TYR C 156 3.62 3.52 -16.49
C TYR C 156 3.00 4.78 -17.06
N THR C 157 3.84 5.73 -17.45
CA THR C 157 3.38 7.02 -17.96
C THR C 157 4.11 7.33 -19.26
N ARG C 158 3.42 8.05 -20.14
CA ARG C 158 3.97 8.49 -21.42
C ARG C 158 3.48 9.91 -21.69
N LYS C 159 4.36 10.74 -22.25
CA LYS C 159 4.04 12.12 -22.57
C LYS C 159 3.65 12.19 -24.05
N ALA C 160 2.47 12.72 -24.32
CA ALA C 160 1.93 12.78 -25.68
C ALA C 160 1.61 14.22 -26.05
N CYS C 161 1.91 14.57 -27.30
CA CYS C 161 1.62 15.88 -27.85
C CYS C 161 0.87 15.72 -29.16
N ILE C 162 -0.17 16.52 -29.35
CA ILE C 162 -0.97 16.50 -30.56
C ILE C 162 -0.90 17.86 -31.22
N GLN C 163 -1.04 17.88 -32.55
CA GLN C 163 -1.03 19.12 -33.33
C GLN C 163 -2.09 18.98 -34.42
N LEU C 164 -3.21 19.68 -34.26
CA LEU C 164 -4.32 19.63 -35.20
C LEU C 164 -4.58 21.03 -35.71
N GLY C 165 -4.31 21.26 -36.99
CA GLY C 165 -4.49 22.57 -37.59
C GLY C 165 -3.60 23.62 -36.95
N THR C 166 -4.19 24.51 -36.16
CA THR C 166 -3.45 25.53 -35.45
C THR C 166 -3.40 25.29 -33.93
N GLU C 167 -4.12 24.29 -33.43
CA GLU C 167 -4.14 24.01 -32.00
C GLU C 167 -3.04 23.02 -31.64
N GLN C 168 -2.45 23.22 -30.45
CA GLN C 168 -1.40 22.36 -29.94
C GLN C 168 -1.69 22.05 -28.48
N THR C 169 -1.68 20.77 -28.12
CA THR C 169 -1.98 20.34 -26.77
C THR C 169 -1.06 19.19 -26.37
N CYS C 170 -0.52 19.26 -25.16
CA CYS C 170 0.35 18.23 -24.62
C CYS C 170 -0.12 17.83 -23.24
N LYS C 171 0.18 16.59 -22.86
CA LYS C 171 -0.22 16.05 -21.56
C LYS C 171 0.57 14.78 -21.30
N SER C 172 0.74 14.46 -20.03
CA SER C 172 1.38 13.21 -19.60
C SER C 172 0.26 12.21 -19.31
N VAL C 173 0.05 11.29 -20.25
CA VAL C 173 -1.06 10.33 -20.15
C VAL C 173 -0.65 9.19 -19.22
N ASP C 174 -1.44 8.99 -18.17
CA ASP C 174 -1.24 7.89 -17.24
C ASP C 174 -2.18 6.75 -17.61
N SER C 175 -2.22 5.72 -16.75
CA SER C 175 -3.14 4.61 -17.00
C SER C 175 -4.56 4.99 -16.64
N ASN C 176 -4.75 5.89 -15.68
CA ASN C 176 -6.06 6.36 -15.26
C ASN C 176 -6.36 7.77 -15.78
N ASP C 177 -5.79 8.13 -16.92
CA ASP C 177 -5.97 9.46 -17.48
C ASP C 177 -5.85 9.38 -19.00
N CYS C 178 -6.44 10.36 -19.66
CA CYS C 178 -6.38 10.46 -21.12
C CYS C 178 -6.29 11.92 -21.53
N LEU C 179 -5.54 12.18 -22.60
CA LEU C 179 -5.48 13.50 -23.22
C LEU C 179 -6.72 13.67 -24.09
N VAL C 180 -7.70 14.41 -23.59
CA VAL C 180 -8.98 14.60 -24.25
C VAL C 180 -9.10 16.06 -24.65
N THR C 181 -9.35 16.30 -25.94
CA THR C 181 -9.60 17.63 -26.47
C THR C 181 -10.98 17.65 -27.13
N THR C 182 -11.29 18.77 -27.78
CA THR C 182 -12.60 18.91 -28.42
C THR C 182 -12.74 18.04 -29.66
N SER C 183 -11.62 17.59 -30.24
CA SER C 183 -11.65 16.76 -31.45
C SER C 183 -10.78 15.53 -31.38
N VAL C 184 -9.77 15.48 -30.50
CA VAL C 184 -8.86 14.35 -30.41
C VAL C 184 -8.90 13.79 -29.00
N LYS C 185 -8.74 12.47 -28.90
CA LYS C 185 -8.70 11.78 -27.61
C LYS C 185 -7.65 10.70 -27.67
N VAL C 186 -6.69 10.74 -26.73
CA VAL C 186 -5.62 9.75 -26.65
C VAL C 186 -5.67 9.11 -25.27
N CYS C 187 -5.84 7.79 -25.24
CA CYS C 187 -5.94 7.04 -24.01
C CYS C 187 -4.84 5.99 -23.92
N LEU C 188 -4.42 5.71 -22.69
CA LEU C 188 -3.48 4.63 -22.39
C LEU C 188 -4.22 3.62 -21.53
N ILE C 189 -4.46 2.43 -22.08
CA ILE C 189 -5.33 1.43 -21.47
C ILE C 189 -4.53 0.25 -20.89
N GLY C 190 -3.71 -0.38 -21.72
CA GLY C 190 -2.99 -1.57 -21.26
C GLY C 190 -1.49 -1.44 -21.32
N THR C 191 -0.79 -2.29 -20.57
CA THR C 191 0.66 -2.29 -20.54
C THR C 191 1.15 -3.70 -20.27
N VAL C 192 1.78 -4.32 -21.26
CA VAL C 192 2.43 -5.62 -21.06
C VAL C 192 3.82 -5.35 -20.49
N SER C 193 4.09 -5.90 -19.31
CA SER C 193 5.29 -5.58 -18.55
C SER C 193 6.11 -6.83 -18.29
N LYS C 194 7.43 -6.67 -18.33
CA LYS C 194 8.33 -7.73 -17.90
C LYS C 194 8.37 -7.83 -16.38
N PHE C 195 8.20 -6.71 -15.69
CA PHE C 195 8.21 -6.67 -14.24
C PHE C 195 6.77 -6.75 -13.70
N GLN C 196 6.66 -7.26 -12.49
CA GLN C 196 5.37 -7.32 -11.79
C GLN C 196 5.65 -7.25 -10.29
N PRO C 197 4.65 -6.91 -9.48
CA PRO C 197 4.89 -6.76 -8.04
C PRO C 197 5.47 -8.01 -7.39
N SER C 198 5.99 -7.82 -6.18
CA SER C 198 6.63 -8.86 -5.37
C SER C 198 7.93 -9.39 -5.98
N ASP C 199 8.51 -8.65 -6.93
CA ASP C 199 9.80 -9.01 -7.48
C ASP C 199 10.91 -8.27 -6.73
N THR C 200 12.11 -8.87 -6.77
CA THR C 200 13.28 -8.33 -6.08
C THR C 200 14.33 -7.93 -7.10
N LEU C 201 14.63 -6.63 -7.17
CA LEU C 201 15.64 -6.10 -8.08
C LEU C 201 16.95 -5.94 -7.33
N LEU C 202 18.00 -6.58 -7.82
CA LEU C 202 19.31 -6.57 -7.18
C LEU C 202 20.30 -5.86 -8.09
N PHE C 203 20.93 -4.81 -7.58
CA PHE C 203 21.94 -4.04 -8.31
C PHE C 203 23.31 -4.33 -7.70
N LEU C 204 24.15 -5.05 -8.45
CA LEU C 204 25.48 -5.38 -7.93
C LEU C 204 26.36 -4.15 -7.83
N GLY C 205 26.43 -3.36 -8.90
CA GLY C 205 27.20 -2.14 -8.89
C GLY C 205 26.29 -0.93 -8.82
N PRO C 206 26.60 0.10 -9.63
CA PRO C 206 25.73 1.28 -9.66
C PRO C 206 24.42 0.99 -10.38
N LEU C 207 23.56 2.01 -10.50
CA LEU C 207 22.25 1.80 -11.11
C LEU C 207 22.36 1.59 -12.61
N GLU C 208 23.13 2.45 -13.29
CA GLU C 208 23.18 2.42 -14.76
C GLU C 208 23.66 1.09 -15.31
N GLN C 209 24.37 0.29 -14.51
CA GLN C 209 24.85 -1.01 -14.96
C GLN C 209 23.76 -2.07 -15.03
N GLY C 210 22.54 -1.75 -14.59
CA GLY C 210 21.47 -2.72 -14.59
C GLY C 210 21.49 -3.60 -13.35
N GLY C 211 20.71 -4.67 -13.42
CA GLY C 211 20.65 -5.58 -12.30
C GLY C 211 20.00 -6.90 -12.67
N LEU C 212 19.62 -7.65 -11.65
CA LEU C 212 18.99 -8.95 -11.82
C LEU C 212 17.63 -8.96 -11.13
N ILE C 213 16.81 -9.94 -11.49
CA ILE C 213 15.46 -10.08 -10.97
C ILE C 213 15.36 -11.41 -10.24
N PHE C 214 14.93 -11.36 -8.98
CA PHE C 214 14.77 -12.55 -8.14
C PHE C 214 13.32 -12.64 -7.68
N LYS C 215 12.73 -13.83 -7.81
CA LYS C 215 11.36 -14.07 -7.37
C LYS C 215 11.29 -14.73 -6.01
N GLN C 216 12.08 -15.77 -5.79
CA GLN C 216 12.11 -16.48 -4.50
C GLN C 216 13.18 -15.90 -3.58
N TRP C 217 13.14 -14.58 -3.37
CA TRP C 217 14.02 -13.95 -2.40
C TRP C 217 13.54 -14.28 -1.00
N CYS C 218 14.38 -14.93 -0.21
CA CYS C 218 13.98 -15.40 1.11
C CYS C 218 13.70 -14.23 2.04
N THR C 219 12.59 -14.32 2.77
CA THR C 219 12.20 -13.29 3.71
C THR C 219 12.10 -13.80 5.15
N THR C 220 11.38 -14.91 5.37
CA THR C 220 11.17 -15.44 6.70
C THR C 220 12.18 -16.53 7.07
N THR C 221 12.23 -17.60 6.28
CA THR C 221 13.11 -18.73 6.53
C THR C 221 14.27 -18.66 5.54
N CYS C 222 15.31 -17.92 5.91
CA CYS C 222 16.51 -17.81 5.09
C CYS C 222 17.55 -18.81 5.56
N GLN C 223 18.24 -19.43 4.60
CA GLN C 223 19.31 -20.37 4.88
C GLN C 223 20.58 -19.91 4.15
N PHE C 224 21.72 -20.39 4.66
CA PHE C 224 23.00 -20.03 4.08
C PHE C 224 23.10 -20.62 2.68
N GLY C 225 23.17 -19.74 1.67
CA GLY C 225 23.19 -20.14 0.28
C GLY C 225 22.02 -19.62 -0.53
N ASP C 226 20.93 -19.21 0.12
CA ASP C 226 19.77 -18.68 -0.58
C ASP C 226 19.98 -17.22 -0.94
N PRO C 227 19.34 -16.75 -2.02
CA PRO C 227 19.42 -15.32 -2.35
C PRO C 227 18.80 -14.45 -1.28
N GLY C 228 19.62 -13.66 -0.59
CA GLY C 228 19.17 -12.86 0.51
C GLY C 228 19.41 -13.46 1.88
N ASP C 229 20.41 -14.33 2.03
CA ASP C 229 20.66 -14.97 3.31
C ASP C 229 21.13 -13.97 4.36
N ILE C 230 22.26 -13.32 4.09
CA ILE C 230 22.83 -12.32 5.01
C ILE C 230 22.49 -10.95 4.47
N MET C 231 21.71 -10.19 5.24
CA MET C 231 21.24 -8.86 4.84
C MET C 231 21.70 -7.83 5.87
N SER C 232 22.13 -6.67 5.37
CA SER C 232 22.49 -5.53 6.22
C SER C 232 21.33 -4.55 6.24
N THR C 233 20.30 -4.88 7.01
CA THR C 233 19.15 -4.00 7.15
C THR C 233 19.53 -2.75 7.93
N PRO C 234 18.82 -1.63 7.71
CA PRO C 234 19.13 -0.41 8.48
C PRO C 234 18.91 -0.57 9.97
N VAL C 235 18.01 -1.47 10.39
CA VAL C 235 17.83 -1.73 11.81
C VAL C 235 19.04 -2.47 12.38
N GLY C 236 19.59 -3.41 11.61
CA GLY C 236 20.74 -4.16 12.06
C GLY C 236 21.02 -5.32 11.14
N MET C 237 21.76 -6.29 11.66
CA MET C 237 22.10 -7.48 10.90
C MET C 237 20.97 -8.51 10.98
N LYS C 238 20.73 -9.20 9.88
CA LYS C 238 19.72 -10.26 9.79
C LYS C 238 20.42 -11.52 9.29
N CYS C 239 20.82 -12.40 10.22
CA CYS C 239 21.58 -13.61 9.94
C CYS C 239 20.64 -14.79 9.72
N PRO C 240 20.95 -15.64 8.74
CA PRO C 240 20.14 -16.84 8.49
C PRO C 240 20.65 -18.05 9.28
N GLU C 241 19.88 -19.12 9.19
CA GLU C 241 20.30 -20.40 9.74
C GLU C 241 21.07 -21.17 8.68
N LEU C 242 21.46 -22.40 9.01
CA LEU C 242 22.28 -23.23 8.13
C LEU C 242 21.46 -24.37 7.54
N ASN C 243 21.90 -24.84 6.37
CA ASN C 243 21.26 -25.96 5.69
C ASN C 243 22.11 -27.21 5.92
N GLY C 244 21.91 -27.84 7.06
CA GLY C 244 22.67 -29.03 7.40
C GLY C 244 22.50 -29.37 8.86
N SER C 245 23.22 -30.43 9.26
CA SER C 245 23.19 -30.92 10.63
C SER C 245 24.61 -31.12 11.14
N PHE C 246 24.75 -31.15 12.46
CA PHE C 246 26.03 -31.32 13.11
C PHE C 246 26.25 -32.77 13.51
N ARG C 247 27.51 -33.12 13.75
CA ARG C 247 27.89 -34.45 14.20
C ARG C 247 29.25 -34.36 14.88
N LYS C 248 29.51 -35.33 15.76
CA LYS C 248 30.73 -35.38 16.54
C LYS C 248 31.59 -36.53 16.05
N LYS C 249 32.65 -36.22 15.32
CA LYS C 249 33.63 -37.21 14.90
C LYS C 249 34.73 -37.29 15.95
N CYS C 250 35.02 -38.50 16.41
CA CYS C 250 35.99 -38.68 17.48
C CYS C 250 36.68 -40.03 17.31
N ALA C 251 37.89 -40.11 17.85
CA ALA C 251 38.69 -41.34 17.85
C ALA C 251 39.09 -41.66 19.28
N PHE C 252 39.84 -42.74 19.45
CA PHE C 252 40.26 -43.19 20.77
C PHE C 252 41.41 -42.32 21.27
N ALA C 253 41.28 -41.85 22.52
CA ALA C 253 42.30 -41.03 23.17
C ALA C 253 42.63 -39.78 22.36
N THR C 254 41.60 -39.12 21.84
CA THR C 254 41.76 -37.88 21.10
C THR C 254 40.62 -36.94 21.46
N THR C 255 40.88 -35.64 21.34
CA THR C 255 39.85 -34.64 21.59
C THR C 255 38.79 -34.74 20.49
N PRO C 256 37.50 -34.72 20.83
CA PRO C 256 36.46 -34.87 19.81
C PRO C 256 36.33 -33.62 18.96
N VAL C 257 36.59 -33.77 17.66
CA VAL C 257 36.41 -32.68 16.71
C VAL C 257 34.96 -32.64 16.27
N CYS C 258 34.53 -31.55 15.66
CA CYS C 258 33.16 -31.36 15.23
C CYS C 258 33.10 -31.20 13.72
N GLN C 259 32.22 -31.96 13.08
CA GLN C 259 32.04 -31.93 11.64
C GLN C 259 30.68 -31.32 11.30
N PHE C 260 30.59 -30.75 10.10
CA PHE C 260 29.35 -30.19 9.60
C PHE C 260 29.22 -30.54 8.13
N ASP C 261 28.34 -31.49 7.81
CA ASP C 261 28.10 -31.92 6.44
C ASP C 261 26.89 -31.14 5.92
N GLY C 262 27.15 -29.95 5.39
CA GLY C 262 26.10 -29.11 4.84
C GLY C 262 26.60 -28.18 3.75
N ASN C 263 25.92 -27.06 3.55
CA ASN C 263 26.32 -26.11 2.52
C ASN C 263 27.39 -25.18 3.06
N THR C 264 28.47 -25.03 2.29
CA THR C 264 29.58 -24.16 2.66
C THR C 264 29.63 -22.87 1.86
N LEU C 265 29.29 -22.92 0.57
CA LEU C 265 29.29 -21.71 -0.24
C LEU C 265 28.15 -20.77 0.17
N SER C 266 28.42 -19.47 0.13
CA SER C 266 27.45 -18.47 0.53
C SER C 266 26.42 -18.25 -0.59
N GLY C 267 25.43 -17.42 -0.29
CA GLY C 267 24.42 -17.12 -1.30
C GLY C 267 24.96 -16.36 -2.48
N TYR C 268 25.92 -15.45 -2.24
CA TYR C 268 26.52 -14.70 -3.32
C TYR C 268 27.39 -15.59 -4.20
N LYS C 269 28.08 -16.57 -3.59
CA LYS C 269 28.92 -17.47 -4.37
C LYS C 269 28.09 -18.33 -5.32
N ARG C 270 26.98 -18.88 -4.81
CA ARG C 270 26.11 -19.68 -5.67
C ARG C 270 25.46 -18.82 -6.75
N MET C 271 25.12 -17.57 -6.41
CA MET C 271 24.54 -16.67 -7.40
C MET C 271 25.54 -16.37 -8.51
N ILE C 272 26.81 -16.17 -8.15
CA ILE C 272 27.83 -15.98 -9.18
C ILE C 272 28.02 -17.26 -9.99
N ALA C 273 27.89 -18.42 -9.35
CA ALA C 273 28.07 -19.68 -10.05
C ALA C 273 27.00 -19.89 -11.11
N THR C 274 25.73 -19.64 -10.75
CA THR C 274 24.61 -19.85 -11.67
C THR C 274 23.93 -18.53 -12.04
N LYS C 275 24.74 -17.49 -12.27
CA LYS C 275 24.20 -16.18 -12.62
C LYS C 275 23.41 -16.21 -13.91
N ASP C 276 23.79 -17.08 -14.85
CA ASP C 276 23.12 -17.16 -16.15
C ASP C 276 21.68 -17.65 -16.04
N SER C 277 21.28 -18.21 -14.90
CA SER C 277 19.94 -18.75 -14.72
C SER C 277 18.96 -17.74 -14.16
N PHE C 278 19.33 -16.46 -14.10
CA PHE C 278 18.48 -15.42 -13.56
C PHE C 278 18.15 -14.39 -14.63
N GLN C 279 17.05 -13.68 -14.43
CA GLN C 279 16.61 -12.65 -15.36
C GLN C 279 17.42 -11.37 -15.17
N SER C 280 17.89 -10.80 -16.28
CA SER C 280 18.65 -9.57 -16.27
C SER C 280 17.81 -8.44 -16.87
N PHE C 281 18.17 -7.21 -16.51
CA PHE C 281 17.48 -6.03 -17.02
C PHE C 281 18.41 -4.84 -16.97
N ASN C 282 18.15 -3.87 -17.83
CA ASN C 282 18.91 -2.63 -17.90
C ASN C 282 18.02 -1.45 -17.54
N VAL C 283 18.65 -0.34 -17.17
CA VAL C 283 17.95 0.90 -16.87
C VAL C 283 18.63 2.05 -17.60
N THR C 284 17.85 3.09 -17.89
CA THR C 284 18.36 4.31 -18.49
C THR C 284 17.69 5.49 -17.82
N GLU C 285 18.48 6.53 -17.54
CA GLU C 285 18.02 7.74 -16.85
C GLU C 285 17.33 7.35 -15.55
N PRO C 286 18.06 6.85 -14.56
CA PRO C 286 17.42 6.42 -13.31
C PRO C 286 17.25 7.54 -12.31
N HIS C 287 16.17 7.44 -11.54
CA HIS C 287 15.88 8.38 -10.46
C HIS C 287 15.29 7.58 -9.31
N ILE C 288 16.05 7.47 -8.22
CA ILE C 288 15.64 6.68 -7.05
C ILE C 288 15.46 7.62 -5.87
N SER C 289 14.37 7.42 -5.12
CA SER C 289 14.12 8.20 -3.92
C SER C 289 13.88 7.27 -2.74
N ALA C 290 13.45 7.83 -1.60
CA ALA C 290 13.17 6.98 -0.45
C ALA C 290 11.92 6.14 -0.62
N SER C 291 11.16 6.34 -1.69
CA SER C 291 9.91 5.60 -1.89
C SER C 291 9.71 5.05 -3.30
N SER C 292 10.47 5.50 -4.30
CA SER C 292 10.19 5.13 -5.68
C SER C 292 11.49 4.87 -6.43
N LEU C 293 11.34 4.36 -7.65
CA LEU C 293 12.48 4.08 -8.53
C LEU C 293 11.99 4.25 -9.97
N GLU C 294 12.34 5.37 -10.58
CA GLU C 294 11.91 5.70 -11.93
C GLU C 294 13.05 5.47 -12.92
N TRP C 295 12.75 4.81 -14.03
CA TRP C 295 13.75 4.56 -15.07
C TRP C 295 13.03 4.22 -16.37
N ILE C 296 13.78 4.32 -17.46
CA ILE C 296 13.29 3.97 -18.80
C ILE C 296 13.97 2.69 -19.23
N ASP C 297 13.19 1.69 -19.62
CA ASP C 297 13.72 0.39 -20.01
C ASP C 297 14.22 0.43 -21.46
N PRO C 298 15.53 0.30 -21.68
CA PRO C 298 16.05 0.34 -23.05
C PRO C 298 15.96 -0.98 -23.80
N ASP C 299 15.67 -2.09 -23.11
CA ASP C 299 15.63 -3.39 -23.75
C ASP C 299 14.41 -3.58 -24.64
N SER C 300 13.45 -2.64 -24.61
CA SER C 300 12.24 -2.73 -25.42
C SER C 300 11.46 -4.01 -25.12
N SER C 301 11.30 -4.30 -23.82
CA SER C 301 10.60 -5.49 -23.37
C SER C 301 9.24 -5.19 -22.76
N LEU C 302 8.71 -3.99 -23.00
CA LEU C 302 7.38 -3.61 -22.54
C LEU C 302 6.62 -2.96 -23.68
N ARG C 303 5.31 -3.21 -23.71
CA ARG C 303 4.44 -2.69 -24.78
C ARG C 303 3.26 -1.97 -24.16
N ASP C 304 2.98 -0.76 -24.64
CA ASP C 304 1.86 0.04 -24.18
C ASP C 304 0.80 0.13 -25.27
N HIS C 305 -0.46 -0.06 -24.87
CA HIS C 305 -1.59 -0.03 -25.80
C HIS C 305 -2.25 1.34 -25.72
N ILE C 306 -2.18 2.10 -26.81
CA ILE C 306 -2.71 3.46 -26.88
C ILE C 306 -3.82 3.50 -27.92
N ASN C 307 -4.95 4.10 -27.55
CA ASN C 307 -6.09 4.27 -28.44
C ASN C 307 -6.26 5.75 -28.76
N VAL C 308 -6.25 6.08 -30.04
CA VAL C 308 -6.43 7.46 -30.51
C VAL C 308 -7.66 7.50 -31.40
N ILE C 309 -8.45 8.55 -31.24
CA ILE C 309 -9.69 8.73 -32.01
C ILE C 309 -9.87 10.21 -32.31
N VAL C 310 -10.16 10.53 -33.56
CA VAL C 310 -10.40 11.89 -34.00
C VAL C 310 -11.77 11.96 -34.67
N GLY C 311 -12.67 12.76 -34.11
CA GLY C 311 -14.00 12.86 -34.66
C GLY C 311 -14.03 13.59 -35.99
N ARG C 312 -15.07 13.32 -36.77
CA ARG C 312 -15.23 13.93 -38.08
C ARG C 312 -15.92 15.28 -38.03
N ASP C 313 -16.25 15.79 -36.84
CA ASP C 313 -16.75 17.15 -36.68
C ASP C 313 -15.63 18.14 -36.41
N LEU C 314 -14.63 18.12 -37.29
CA LEU C 314 -13.42 18.91 -37.07
C LEU C 314 -13.63 20.41 -37.25
N SER C 315 -14.71 20.80 -37.94
CA SER C 315 -14.99 22.21 -38.25
C SER C 315 -13.82 22.83 -39.02
N PHE C 316 -13.63 22.30 -40.24
CA PHE C 316 -12.51 22.71 -41.08
C PHE C 316 -12.46 24.21 -41.32
N GLN C 317 -13.54 24.94 -41.06
CA GLN C 317 -13.52 26.38 -41.23
C GLN C 317 -12.71 27.06 -40.13
N ASP C 318 -12.89 26.63 -38.88
CA ASP C 318 -12.19 27.27 -37.77
C ASP C 318 -10.70 26.96 -37.78
N LEU C 319 -10.32 25.76 -38.21
CA LEU C 319 -8.92 25.35 -38.25
C LEU C 319 -8.21 25.76 -39.53
N SER C 320 -8.85 26.58 -40.36
CA SER C 320 -8.26 27.02 -41.62
C SER C 320 -7.82 28.48 -41.62
N GLU C 321 -8.46 29.33 -40.83
CA GLU C 321 -8.07 30.74 -40.79
C GLU C 321 -6.69 30.90 -40.18
N THR C 322 -5.80 31.60 -40.89
CA THR C 322 -4.42 31.87 -40.49
C THR C 322 -3.70 30.58 -40.12
N PRO C 323 -3.35 29.73 -41.09
CA PRO C 323 -2.58 28.52 -40.79
C PRO C 323 -1.12 28.87 -40.53
N CYS C 324 -0.34 27.84 -40.24
CA CYS C 324 1.08 28.00 -39.90
C CYS C 324 1.91 27.89 -41.16
N GLN C 325 2.53 28.99 -41.56
CA GLN C 325 3.42 29.01 -42.71
C GLN C 325 4.83 28.59 -42.30
N VAL C 326 5.46 27.76 -43.13
CA VAL C 326 6.77 27.22 -42.85
C VAL C 326 7.63 27.32 -44.10
N ASP C 327 8.75 28.02 -43.98
CA ASP C 327 9.76 28.11 -45.03
C ASP C 327 11.05 27.50 -44.54
N LEU C 328 11.83 26.94 -45.47
CA LEU C 328 13.06 26.24 -45.10
C LEU C 328 14.09 26.39 -46.20
N ALA C 329 15.35 26.15 -45.84
CA ALA C 329 16.45 26.25 -46.79
C ALA C 329 17.61 25.40 -46.28
N THR C 330 18.18 24.59 -47.18
CA THR C 330 19.34 23.77 -46.84
C THR C 330 20.59 24.63 -46.79
N THR C 331 21.34 24.53 -45.69
CA THR C 331 22.50 25.38 -45.46
C THR C 331 23.80 24.64 -45.24
N SER C 332 23.78 23.35 -44.92
CA SER C 332 25.00 22.63 -44.65
C SER C 332 24.77 21.13 -44.82
N ILE C 333 25.85 20.42 -45.15
CA ILE C 333 25.83 18.96 -45.27
C ILE C 333 27.17 18.42 -44.78
N ASP C 334 27.14 17.20 -44.26
CA ASP C 334 28.34 16.57 -43.72
C ASP C 334 28.11 15.06 -43.68
N GLY C 335 28.93 14.31 -44.40
CA GLY C 335 28.85 12.87 -44.39
C GLY C 335 29.05 12.31 -45.79
N ALA C 336 28.54 11.10 -45.99
CA ALA C 336 28.66 10.40 -47.26
C ALA C 336 27.30 9.82 -47.64
N TRP C 337 27.14 9.54 -48.94
CA TRP C 337 25.92 8.94 -49.45
C TRP C 337 25.96 7.42 -49.47
N GLY C 338 26.99 6.82 -48.85
CA GLY C 338 27.06 5.37 -48.81
C GLY C 338 26.10 4.79 -47.79
N SER C 339 25.63 3.58 -48.08
CA SER C 339 24.70 2.87 -47.21
C SER C 339 25.48 2.30 -46.03
N GLY C 340 25.60 3.10 -44.97
CA GLY C 340 26.33 2.69 -43.79
C GLY C 340 27.14 3.80 -43.16
N VAL C 341 27.50 4.79 -43.96
CA VAL C 341 28.29 5.91 -43.45
C VAL C 341 27.39 6.96 -42.80
N GLY C 342 26.39 7.43 -43.54
CA GLY C 342 25.46 8.41 -43.04
C GLY C 342 25.90 9.84 -43.31
N PHE C 343 24.92 10.74 -43.31
CA PHE C 343 25.16 12.15 -43.53
C PHE C 343 24.25 12.97 -42.62
N ASN C 344 24.69 14.19 -42.33
CA ASN C 344 23.97 15.11 -41.45
C ASN C 344 23.64 16.37 -42.23
N LEU C 345 22.36 16.73 -42.27
CA LEU C 345 21.87 17.89 -43.01
C LEU C 345 21.36 18.94 -42.04
N VAL C 346 21.65 20.21 -42.34
CA VAL C 346 21.25 21.34 -41.51
C VAL C 346 20.25 22.17 -42.29
N CYS C 347 19.10 22.44 -41.66
CA CYS C 347 18.02 23.21 -42.28
C CYS C 347 17.74 24.45 -41.44
N SER C 348 17.42 25.55 -42.11
CA SER C 348 17.04 26.80 -41.46
C SER C 348 15.55 27.01 -41.69
N VAL C 349 14.75 26.51 -40.77
CA VAL C 349 13.29 26.52 -40.90
C VAL C 349 12.76 27.81 -40.28
N SER C 350 11.94 28.54 -41.04
CA SER C 350 11.36 29.81 -40.60
C SER C 350 9.85 29.62 -40.47
N LEU C 351 9.35 29.73 -39.24
CA LEU C 351 7.94 29.59 -38.94
C LEU C 351 7.31 30.97 -38.77
N THR C 352 6.20 31.21 -39.48
CA THR C 352 5.52 32.49 -39.43
C THR C 352 4.03 32.27 -39.23
N GLU C 353 3.35 33.31 -38.76
CA GLU C 353 1.91 33.36 -38.52
C GLU C 353 1.44 32.36 -37.47
N CYS C 354 2.36 31.79 -36.69
CA CYS C 354 2.02 30.89 -35.61
C CYS C 354 3.07 31.01 -34.52
N SER C 355 2.63 31.00 -33.26
CA SER C 355 3.57 31.09 -32.15
C SER C 355 4.39 29.82 -32.03
N THR C 356 3.72 28.68 -31.92
CA THR C 356 4.37 27.37 -31.87
C THR C 356 3.66 26.43 -32.84
N PHE C 357 4.44 25.60 -33.52
CA PHE C 357 3.89 24.66 -34.49
C PHE C 357 4.71 23.38 -34.48
N LEU C 358 4.05 22.25 -34.26
CA LEU C 358 4.70 20.96 -34.19
C LEU C 358 4.60 20.27 -35.56
N THR C 359 5.75 20.01 -36.17
CA THR C 359 5.81 19.33 -37.45
C THR C 359 7.12 18.55 -37.51
N SER C 360 7.50 18.12 -38.71
CA SER C 360 8.75 17.38 -38.88
C SER C 360 9.32 17.69 -40.26
N ILE C 361 10.64 17.78 -40.33
CA ILE C 361 11.35 18.07 -41.56
C ILE C 361 12.04 16.78 -42.03
N LYS C 362 12.09 16.59 -43.35
CA LYS C 362 12.71 15.41 -43.93
C LYS C 362 13.81 15.83 -44.90
N ALA C 363 14.86 15.01 -44.96
CA ALA C 363 15.97 15.20 -45.89
C ALA C 363 15.70 14.34 -47.11
N CYS C 364 15.17 14.95 -48.16
CA CYS C 364 14.76 14.24 -49.36
C CYS C 364 15.64 14.62 -50.54
N ASP C 365 15.53 13.81 -51.60
CA ASP C 365 16.16 14.09 -52.88
C ASP C 365 15.11 14.05 -53.98
N SER C 366 15.54 14.01 -55.23
CA SER C 366 14.60 13.98 -56.36
C SER C 366 13.61 12.83 -56.24
N ALA C 367 13.99 11.74 -55.57
CA ALA C 367 13.15 10.55 -55.54
C ALA C 367 12.66 10.18 -54.14
N MET C 368 13.56 10.03 -53.18
CA MET C 368 13.22 9.44 -51.88
C MET C 368 13.45 10.44 -50.75
N CYS C 369 13.28 9.94 -49.52
CA CYS C 369 13.57 10.71 -48.31
C CYS C 369 14.29 9.78 -47.34
N TYR C 370 15.56 10.06 -47.07
CA TYR C 370 16.42 9.16 -46.31
C TYR C 370 16.53 9.52 -44.83
N GLY C 371 15.68 10.41 -44.34
CA GLY C 371 15.74 10.78 -42.94
C GLY C 371 14.63 11.76 -42.60
N SER C 372 14.42 11.91 -41.30
CA SER C 372 13.40 12.83 -40.79
C SER C 372 13.81 13.32 -39.41
N THR C 373 13.19 14.42 -39.00
CA THR C 373 13.46 15.00 -37.68
C THR C 373 12.24 15.79 -37.25
N THR C 374 11.66 15.40 -36.11
CA THR C 374 10.48 16.08 -35.57
C THR C 374 10.93 17.17 -34.61
N ALA C 375 10.36 18.37 -34.77
CA ALA C 375 10.71 19.50 -33.92
C ALA C 375 9.51 20.41 -33.73
N ASN C 376 9.42 21.00 -32.55
CA ASN C 376 8.36 21.96 -32.23
C ASN C 376 8.93 23.35 -32.51
N LEU C 377 8.57 23.90 -33.67
CA LEU C 377 9.14 25.15 -34.13
C LEU C 377 8.53 26.34 -33.40
N LEU C 378 9.35 27.36 -33.19
CA LEU C 378 8.92 28.63 -32.63
C LEU C 378 8.81 29.67 -33.74
N ARG C 379 8.11 30.76 -33.43
CA ARG C 379 7.93 31.84 -34.39
C ARG C 379 9.28 32.51 -34.66
N GLY C 380 9.84 32.25 -35.83
CA GLY C 380 11.09 32.81 -36.25
C GLY C 380 11.97 31.75 -36.89
N GLN C 381 13.27 31.97 -36.81
CA GLN C 381 14.24 31.06 -37.39
C GLN C 381 14.50 29.88 -36.46
N ASN C 382 14.64 28.70 -37.06
CA ASN C 382 14.89 27.47 -36.31
C ASN C 382 15.91 26.63 -37.05
N THR C 383 16.97 26.24 -36.35
CA THR C 383 18.00 25.37 -36.90
C THR C 383 17.64 23.92 -36.58
N VAL C 384 17.52 23.09 -37.62
CA VAL C 384 17.09 21.70 -37.47
C VAL C 384 18.14 20.80 -38.12
N HIS C 385 18.61 19.81 -37.37
CA HIS C 385 19.52 18.79 -37.87
C HIS C 385 18.75 17.54 -38.27
N ILE C 386 19.13 16.95 -39.40
CA ILE C 386 18.49 15.74 -39.90
C ILE C 386 19.58 14.73 -40.25
N VAL C 387 19.48 13.54 -39.68
CA VAL C 387 20.39 12.44 -39.98
C VAL C 387 19.78 11.59 -41.07
N GLY C 388 20.62 11.08 -41.96
CA GLY C 388 20.15 10.26 -43.07
C GLY C 388 21.18 9.25 -43.47
N LYS C 389 20.71 8.14 -44.05
CA LYS C 389 21.58 7.07 -44.52
C LYS C 389 21.09 6.61 -45.88
N GLY C 390 21.99 6.57 -46.86
CA GLY C 390 21.62 6.15 -48.20
C GLY C 390 21.94 7.20 -49.25
N GLY C 391 21.35 7.07 -50.42
CA GLY C 391 21.57 7.99 -51.51
C GLY C 391 22.52 7.44 -52.55
N HIS C 392 22.64 8.19 -53.65
CA HIS C 392 23.48 7.81 -54.78
C HIS C 392 24.57 8.88 -54.98
N SER C 393 25.32 8.73 -56.07
CA SER C 393 26.43 9.65 -56.33
C SER C 393 25.91 11.04 -56.67
N GLY C 394 24.92 11.14 -57.55
CA GLY C 394 24.39 12.42 -57.95
C GLY C 394 23.19 12.87 -57.13
N SER C 395 23.06 12.34 -55.92
CA SER C 395 21.94 12.69 -55.06
C SER C 395 22.13 14.07 -54.47
N LYS C 396 21.26 15.01 -54.82
CA LYS C 396 21.31 16.37 -54.30
C LYS C 396 20.29 16.47 -53.17
N PHE C 397 20.75 16.27 -51.94
CA PHE C 397 19.86 16.23 -50.79
C PHE C 397 19.35 17.63 -50.45
N MET C 398 18.05 17.71 -50.14
CA MET C 398 17.42 18.97 -49.80
C MET C 398 16.56 18.79 -48.55
N CYS C 399 16.29 19.91 -47.88
CA CYS C 399 15.33 19.93 -46.79
C CYS C 399 13.92 20.04 -47.35
N CYS C 400 12.98 19.34 -46.71
CA CYS C 400 11.61 19.30 -47.22
C CYS C 400 10.60 19.29 -46.08
N HIS C 401 9.58 20.13 -46.22
CA HIS C 401 8.36 20.04 -45.42
C HIS C 401 7.42 19.06 -46.12
N ASP C 402 6.13 19.09 -45.76
CA ASP C 402 5.13 18.25 -46.40
C ASP C 402 5.30 18.22 -47.92
N THR C 403 5.16 19.38 -48.57
CA THR C 403 5.30 19.47 -50.01
C THR C 403 6.43 20.40 -50.43
N LYS C 404 6.51 21.60 -49.85
CA LYS C 404 7.53 22.55 -50.25
C LYS C 404 8.91 22.11 -49.75
N CYS C 405 9.91 22.30 -50.60
CA CYS C 405 11.30 21.98 -50.29
C CYS C 405 12.15 23.22 -50.51
N SER C 406 13.44 23.12 -50.18
CA SER C 406 14.36 24.22 -50.35
C SER C 406 14.60 24.48 -51.84
N SER C 407 15.21 25.63 -52.12
CA SER C 407 15.48 26.01 -53.52
C SER C 407 16.66 25.23 -54.09
N THR C 408 17.66 24.94 -53.27
CA THR C 408 18.85 24.22 -53.70
C THR C 408 19.15 23.09 -52.74
N GLY C 409 20.15 22.28 -53.09
CA GLY C 409 20.55 21.15 -52.28
C GLY C 409 22.05 20.98 -52.31
N LEU C 410 22.51 19.94 -51.60
CA LEU C 410 23.93 19.65 -51.48
C LEU C 410 24.16 18.16 -51.72
N VAL C 411 25.39 17.83 -52.14
CA VAL C 411 25.76 16.46 -52.48
C VAL C 411 26.93 16.04 -51.60
N ALA C 412 26.94 14.77 -51.23
CA ALA C 412 28.02 14.17 -50.46
C ALA C 412 28.98 13.43 -51.38
N ALA C 413 29.96 12.75 -50.80
CA ALA C 413 30.95 12.01 -51.56
C ALA C 413 31.31 10.72 -50.82
N ALA C 414 31.65 9.69 -51.60
CA ALA C 414 32.04 8.39 -51.07
C ALA C 414 30.98 7.80 -50.14
N ASP C 427 17.68 1.34 -34.16
CA ASP C 427 18.50 2.43 -34.69
C ASP C 427 17.88 3.77 -34.34
N SER C 428 18.55 4.51 -33.46
CA SER C 428 18.14 5.81 -32.94
C SER C 428 16.88 5.75 -32.11
N ASP C 429 16.25 4.57 -31.99
CA ASP C 429 15.06 4.36 -31.16
C ASP C 429 13.97 5.39 -31.48
N LYS C 430 13.74 5.63 -32.77
CA LYS C 430 12.65 6.47 -33.22
C LYS C 430 11.88 5.75 -34.31
N ILE C 431 10.57 6.01 -34.38
CA ILE C 431 9.70 5.41 -35.37
C ILE C 431 8.96 6.52 -36.09
N PHE C 432 9.06 6.56 -37.42
CA PHE C 432 8.45 7.59 -38.24
C PHE C 432 7.36 6.97 -39.10
N ASP C 433 6.16 7.56 -39.07
CA ASP C 433 5.03 7.10 -39.86
C ASP C 433 4.27 8.33 -40.36
N ASP C 434 4.56 8.75 -41.59
CA ASP C 434 3.88 9.87 -42.21
C ASP C 434 2.97 9.45 -43.36
N GLY C 435 2.90 8.15 -43.67
CA GLY C 435 2.04 7.68 -44.73
C GLY C 435 2.49 8.03 -46.13
N ALA C 436 3.73 8.47 -46.30
CA ALA C 436 4.21 8.85 -47.62
C ALA C 436 4.45 7.59 -48.48
N PRO C 437 4.04 7.62 -49.74
CA PRO C 437 4.29 6.46 -50.62
C PRO C 437 5.76 6.36 -50.97
N GLU C 438 6.40 5.27 -50.53
CA GLU C 438 7.81 5.07 -50.79
C GLU C 438 8.04 4.69 -52.25
N CYS C 439 9.25 4.98 -52.74
CA CYS C 439 9.61 4.64 -54.10
C CYS C 439 9.71 3.14 -54.27
N GLY C 440 9.36 2.68 -55.47
CA GLY C 440 9.36 1.25 -55.75
C GLY C 440 10.73 0.70 -56.07
N ILE C 441 10.80 -0.20 -57.04
CA ILE C 441 12.08 -0.80 -57.42
C ILE C 441 12.96 0.15 -58.22
N SER C 442 12.39 1.25 -58.74
CA SER C 442 13.15 2.18 -59.57
C SER C 442 14.26 2.88 -58.80
N CYS C 443 14.21 2.87 -57.47
CA CYS C 443 15.21 3.52 -56.64
C CYS C 443 16.18 2.54 -56.00
N TRP C 444 16.13 1.26 -56.39
CA TRP C 444 16.97 0.22 -55.80
C TRP C 444 18.15 -0.05 -56.71
N PHE C 445 19.37 0.12 -56.17
CA PHE C 445 20.60 -0.18 -56.89
C PHE C 445 20.70 0.60 -58.21
N THR C 446 20.73 1.92 -58.07
CA THR C 446 20.84 2.81 -59.23
C THR C 446 22.01 3.77 -59.08
#